data_8YN5
#
_entry.id   8YN5
#
_cell.length_a   1.00
_cell.length_b   1.00
_cell.length_c   1.00
_cell.angle_alpha   90.00
_cell.angle_beta   90.00
_cell.angle_gamma   90.00
#
_symmetry.space_group_name_H-M   'P 1'
#
loop_
_entity.id
_entity.type
_entity.pdbx_description
1 polymer 'Guanine nucleotide-binding protein G(i) subunit alpha-1'
2 polymer 'Guanine nucleotide-binding protein G(I)/G(S)/G(T) subunit beta-1'
3 polymer 'Guanine nucleotide-binding protein G(I)/G(S)/G(O) subunit gamma-2'
4 polymer 'Antibody fragment scFv16'
5 polymer 'Histamine H3 receptor'
6 non-polymer HISTAMINE
7 non-polymer CHOLESTEROL
#
loop_
_entity_poly.entity_id
_entity_poly.type
_entity_poly.pdbx_seq_one_letter_code
_entity_poly.pdbx_strand_id
1 'polypeptide(L)'
;MGCTLSAEDKAAVERSKMIDRNLREDGEKAAREVKLLLLGAGESGKNTIVKQMKIIHEAGYSEEECKQYKAVVYSNTIQS
IIAIIRAMGRLKIDFGDSARADDARQLFVLAGAAEEGFMTAELAGVIKRLWKDSGVQACFNRSREYQLNDSAAYYLNDLD
RIAQPNYIPTQQDVLRTRVKTTGIVETHFTFKDLHFKMFDVGAQRSERKKWIHCFEGVTAIIFCVALSDYDLVLAEDEEM
NRMHASMKLFDSICNNKWFTDTSIILFLNKKDLFEEKIKKSPLTICYPEYAGSNTYEEAAAYIQCQFEDLNKRKDTKEIY
THFTCSTDTKNVQFVFDAVTDVIIKNNLKDCGLF
;
A
2 'polypeptide(L)'
;MHHHHHHGSSGSELDQLRQEAEQLKNQIRDARKACADATLSQITNNIDPVGRIQMRTRRTLRGHLAKIYAMHWGTDSRLL
VSASQDGKLIIWDSYTTNKVHAIPLRSSWVMTCAYAPSGNYVACGGLDNICSIYNLKTREGNVRVSRELAGHTGYLSCCR
FLDDNQIVTSSGDTTCALWDIETGQQTTTFTGHTGDVMSLSLAPDTRLFVSGACDASAKLWDVREGMCRQTFTGHESDIN
AICFFPNGNAFATGSDDATCRLFDLRADQELMTYSHDNIICGITSVSFSKSGRLLLAGYDDFNCNVWDALKADRAGVLAG
HDNRVSCLGVTDDGMAVATGSWDSFLKIWNGSSGGGGSGGGGSSGVSGWRLFKKIS
;
B
3 'polypeptide(L)' MASNNTASIAQARKLVEQLKMEANIDRIKVSKAAADLMAYCEAHAKEDPLLTPVPASENPFREKKFFCAIL C
4 'polypeptide(L)'
;VQLVESGGGLVQPGGSRKLSCSASGFAFSSFGMHWVRQAPEKGLEWVAYISSGSGTIYYADTVKGRFTISRDDPKNTLFL
QMTSLRSEDTAMYYCVRSIYYYGSSPFDFWGQGTTLTVSAGGGGSGGGGSGGGGSADIVMTQATSSVPVTPGESVSISCR
SSKSLLHSNGNTYLYWFLQRPGQSPQLLIYRMSNLASGVPDRFSGSGSGTAFTLTISRLEAEDVGVYYCMQHLEYPLTFG
AGTKLELLEENLYFQ
;
E
5 'polypeptide(L)'
;DYKDDDDHHHHHHHHGQPGNGSAFLLAPNGSHAPDHNVTQQRDEENLYFQGVDMERAPPDGPLNASGALAGEAAAAGGAR
GFSAAWTAVLAALMALLIVATVLGNALVMLAFVADSSLRTQNNFFLLNLAISDFLVGAFCIPLYVPYVLTGRWTFGRGLC
KLWLVVDYLLCTSSAFNIVLISYDRFLSVTRAVSYRAQQGDTRRAVRKMLLVWVLAFLLYGPAILSWEYLSGGSSIPEGH
CYAEFFYNWYFLITASTLEFFTPFLSVTFFNLSIYLNIQRRTRLRLDGAREAAGPEPPPEAQPSPPPPPGCWGCWQKGHG
EAMPLHRYGVGEAAVGAEAGEATLGGGGGGGSVASPTSSSGSSSRGTERPRSLKRGSKPSASSASLEKRMKMVSQSFTQR
FRLSRDRKVAKSLAVIVSIFGLCWAPYTLLMIIRAACHGHCVPDYWYETSFWLLWANSAVNPVLYPLCHHSFRRAFTKLL
CPQKLKIQPHSSLEHCWKAAAVFTLEDFVGDWEQTAAYNLDQVLEQGGVSSLLQNLAVSVTPIQRIVRSGENALKIDIHV
IIPYEGLSADQMAQIEEVFKVVYPVDDHHFKVILPYGTLVIDGVTPNMLNYFGRPYEGIAVFDGKKITVTGTLWNGNKII
DERLITPDGSMLFRVTINS
;
R
#
loop_
_chem_comp.id
_chem_comp.type
_chem_comp.name
_chem_comp.formula
CLR non-polymer CHOLESTEROL 'C27 H46 O'
HSM non-polymer HISTAMINE 'C5 H9 N3'
#
# COMPACT_ATOMS: atom_id res chain seq x y z
N THR A 4 -14.65 8.53 22.67
CA THR A 4 -14.58 9.95 22.34
C THR A 4 -15.11 10.22 20.94
N LEU A 5 -15.22 9.16 20.13
CA LEU A 5 -15.75 9.29 18.79
C LEU A 5 -17.26 9.44 18.81
N SER A 6 -17.80 10.12 17.79
CA SER A 6 -19.23 10.30 17.68
C SER A 6 -19.87 9.03 17.11
N ALA A 7 -21.21 9.04 16.99
CA ALA A 7 -21.90 7.88 16.45
C ALA A 7 -21.50 7.64 15.00
N GLU A 8 -21.39 8.71 14.20
CA GLU A 8 -20.99 8.56 12.81
C GLU A 8 -19.50 8.29 12.65
N ASP A 9 -18.67 8.82 13.56
CA ASP A 9 -17.25 8.54 13.50
C ASP A 9 -16.96 7.06 13.73
N LYS A 10 -17.66 6.44 14.69
CA LYS A 10 -17.48 5.01 14.92
C LYS A 10 -17.91 4.20 13.69
N ALA A 11 -19.00 4.60 13.05
CA ALA A 11 -19.43 3.92 11.83
C ALA A 11 -18.42 4.11 10.70
N ALA A 12 -17.81 5.31 10.61
CA ALA A 12 -16.79 5.53 9.59
C ALA A 12 -15.54 4.70 9.88
N VAL A 13 -15.15 4.57 11.14
CA VAL A 13 -14.02 3.73 11.50
C VAL A 13 -14.33 2.27 11.18
N GLU A 14 -15.56 1.84 11.44
CA GLU A 14 -15.95 0.48 11.12
C GLU A 14 -15.93 0.23 9.62
N ARG A 15 -16.32 1.23 8.82
CA ARG A 15 -16.23 1.09 7.38
C ARG A 15 -14.79 0.91 6.93
N SER A 16 -13.86 1.65 7.53
CA SER A 16 -12.45 1.51 7.18
C SER A 16 -11.94 0.11 7.51
N LYS A 17 -12.39 -0.46 8.63
CA LYS A 17 -11.99 -1.82 8.98
C LYS A 17 -12.49 -2.82 7.94
N MET A 18 -13.71 -2.63 7.42
CA MET A 18 -14.22 -3.48 6.37
C MET A 18 -13.35 -3.38 5.12
N ILE A 19 -12.92 -2.16 4.77
CA ILE A 19 -12.06 -1.97 3.62
C ILE A 19 -10.72 -2.66 3.84
N ASP A 20 -10.15 -2.53 5.05
CA ASP A 20 -8.88 -3.17 5.35
C ASP A 20 -8.99 -4.69 5.24
N ARG A 21 -10.12 -5.25 5.67
CA ARG A 21 -10.32 -6.69 5.56
C ARG A 21 -10.37 -7.13 4.11
N ASN A 22 -11.02 -6.36 3.24
CA ASN A 22 -11.10 -6.72 1.83
C ASN A 22 -9.77 -6.51 1.10
N LEU A 23 -8.99 -5.51 1.52
CA LEU A 23 -7.67 -5.31 0.91
C LEU A 23 -6.75 -6.48 1.19
N ARG A 24 -6.80 -7.02 2.41
CA ARG A 24 -5.98 -8.18 2.75
C ARG A 24 -6.40 -9.41 1.94
N GLU A 25 -7.70 -9.62 1.75
CA GLU A 25 -8.16 -10.75 0.96
C GLU A 25 -7.73 -10.62 -0.49
N ASP A 26 -7.78 -9.42 -1.05
CA ASP A 26 -7.28 -9.20 -2.40
C ASP A 26 -5.76 -9.40 -2.46
N GLY A 27 -5.04 -8.95 -1.43
CA GLY A 27 -3.61 -9.17 -1.41
C GLY A 27 -3.24 -10.64 -1.30
N GLU A 28 -3.97 -11.39 -0.47
CA GLU A 28 -3.73 -12.82 -0.37
C GLU A 28 -4.06 -13.53 -1.69
N LYS A 29 -5.14 -13.10 -2.35
CA LYS A 29 -5.50 -13.69 -3.64
C LYS A 29 -4.47 -13.34 -4.71
N ALA A 30 -3.95 -12.11 -4.67
CA ALA A 30 -2.94 -11.71 -5.64
C ALA A 30 -1.57 -12.28 -5.33
N ALA A 31 -1.35 -12.74 -4.10
CA ALA A 31 -0.08 -13.35 -3.72
C ALA A 31 0.07 -14.77 -4.22
N ARG A 32 -1.03 -15.45 -4.56
CA ARG A 32 -0.97 -16.79 -5.11
C ARG A 32 -0.78 -16.79 -6.62
N GLU A 33 -0.77 -15.63 -7.25
CA GLU A 33 -0.60 -15.53 -8.69
C GLU A 33 0.88 -15.41 -9.04
N VAL A 34 1.28 -16.09 -10.10
CA VAL A 34 2.66 -16.04 -10.59
C VAL A 34 2.68 -15.01 -11.72
N LYS A 35 3.40 -13.93 -11.51
CA LYS A 35 3.52 -12.87 -12.51
C LYS A 35 4.74 -13.13 -13.37
N LEU A 36 4.52 -13.28 -14.68
CA LEU A 36 5.58 -13.54 -15.64
C LEU A 36 5.64 -12.40 -16.64
N LEU A 37 6.83 -11.87 -16.87
CA LEU A 37 7.05 -10.82 -17.86
C LEU A 37 7.53 -11.47 -19.15
N LEU A 38 6.78 -11.27 -20.22
CA LEU A 38 7.08 -11.89 -21.52
C LEU A 38 7.80 -10.86 -22.40
N LEU A 39 9.01 -11.21 -22.83
CA LEU A 39 9.84 -10.33 -23.65
C LEU A 39 10.35 -11.09 -24.86
N GLY A 40 10.88 -10.35 -25.80
CA GLY A 40 11.42 -10.93 -27.02
C GLY A 40 11.27 -9.97 -28.19
N ALA A 41 11.93 -10.33 -29.28
CA ALA A 41 11.88 -9.53 -30.50
C ALA A 41 10.74 -9.98 -31.39
N GLY A 42 10.54 -9.28 -32.49
CA GLY A 42 9.48 -9.63 -33.42
C GLY A 42 9.81 -10.89 -34.20
N GLU A 43 8.76 -11.65 -34.54
CA GLU A 43 8.88 -12.89 -35.28
C GLU A 43 9.82 -13.88 -34.59
N SER A 44 9.73 -13.93 -33.26
CA SER A 44 10.57 -14.82 -32.45
C SER A 44 9.76 -15.90 -31.75
N GLY A 45 8.56 -16.20 -32.25
CA GLY A 45 7.70 -17.16 -31.59
C GLY A 45 7.04 -16.65 -30.33
N LYS A 46 7.12 -15.34 -30.06
CA LYS A 46 6.53 -14.79 -28.85
C LYS A 46 5.03 -14.97 -28.84
N ASN A 47 4.37 -14.75 -29.98
CA ASN A 47 2.93 -14.95 -30.06
C ASN A 47 2.57 -16.43 -30.04
N THR A 48 3.40 -17.28 -30.65
CA THR A 48 3.14 -18.72 -30.65
C THR A 48 3.22 -19.30 -29.25
N ILE A 49 4.11 -18.76 -28.40
CA ILE A 49 4.20 -19.22 -27.02
C ILE A 49 2.90 -18.95 -26.28
N VAL A 50 2.31 -17.77 -26.48
CA VAL A 50 1.07 -17.41 -25.80
C VAL A 50 -0.05 -18.38 -26.19
N LYS A 51 -0.08 -18.79 -27.45
CA LYS A 51 -1.08 -19.78 -27.87
C LYS A 51 -0.91 -21.10 -27.13
N GLN A 52 0.35 -21.55 -26.97
CA GLN A 52 0.59 -22.76 -26.21
C GLN A 52 0.25 -22.58 -24.74
N MET A 53 0.54 -21.41 -24.18
CA MET A 53 0.19 -21.12 -22.79
C MET A 53 -1.30 -20.90 -22.58
N LYS A 54 -2.07 -20.76 -23.66
CA LYS A 54 -3.52 -20.54 -23.60
C LYS A 54 -3.91 -19.43 -22.65
N THR A 182 -4.47 -1.71 -26.15
CA THR A 182 -3.55 -0.86 -26.90
C THR A 182 -2.22 -0.71 -26.17
N GLY A 183 -2.19 -1.09 -24.89
CA GLY A 183 -0.98 -0.99 -24.10
C GLY A 183 -0.41 -2.34 -23.73
N ILE A 184 -0.48 -2.69 -22.45
CA ILE A 184 0.03 -3.96 -21.96
C ILE A 184 -1.04 -5.02 -22.14
N VAL A 185 -0.62 -6.20 -22.61
CA VAL A 185 -1.52 -7.33 -22.84
C VAL A 185 -1.24 -8.37 -21.76
N GLU A 186 -2.29 -8.78 -21.05
CA GLU A 186 -2.18 -9.71 -19.95
C GLU A 186 -2.86 -11.03 -20.31
N THR A 187 -2.19 -12.14 -20.03
CA THR A 187 -2.71 -13.47 -20.29
C THR A 187 -2.80 -14.23 -18.98
N HIS A 188 -3.94 -14.88 -18.75
CA HIS A 188 -4.17 -15.64 -17.53
C HIS A 188 -4.38 -17.11 -17.88
N PHE A 189 -3.64 -18.00 -17.21
CA PHE A 189 -3.83 -19.43 -17.37
C PHE A 189 -3.44 -20.12 -16.08
N THR A 190 -3.99 -21.33 -15.89
CA THR A 190 -3.79 -22.11 -14.68
C THR A 190 -3.25 -23.48 -15.05
N PHE A 191 -2.20 -23.91 -14.35
CA PHE A 191 -1.58 -25.21 -14.59
C PHE A 191 -1.25 -25.84 -13.24
N LYS A 192 -1.96 -26.93 -12.90
CA LYS A 192 -1.75 -27.69 -11.66
C LYS A 192 -1.91 -26.79 -10.44
N ASP A 193 -3.11 -26.21 -10.31
CA ASP A 193 -3.50 -25.41 -9.15
C ASP A 193 -2.57 -24.22 -8.94
N LEU A 194 -1.99 -23.71 -10.03
CA LEU A 194 -1.13 -22.53 -9.98
C LEU A 194 -1.59 -21.55 -11.04
N HIS A 195 -1.85 -20.31 -10.63
CA HIS A 195 -2.37 -19.28 -11.53
C HIS A 195 -1.21 -18.43 -12.04
N PHE A 196 -1.17 -18.23 -13.36
CA PHE A 196 -0.11 -17.48 -14.01
C PHE A 196 -0.69 -16.22 -14.64
N LYS A 197 -0.02 -15.09 -14.42
CA LYS A 197 -0.33 -13.83 -15.09
C LYS A 197 0.86 -13.47 -15.97
N MET A 198 0.69 -13.56 -17.28
CA MET A 198 1.74 -13.25 -18.23
C MET A 198 1.46 -11.91 -18.88
N PHE A 199 2.46 -11.03 -18.87
CA PHE A 199 2.32 -9.67 -19.37
C PHE A 199 3.18 -9.48 -20.61
N ASP A 200 2.55 -9.00 -21.67
CA ASP A 200 3.23 -8.69 -22.93
C ASP A 200 3.31 -7.17 -23.08
N VAL A 201 4.53 -6.67 -23.28
CA VAL A 201 4.75 -5.23 -23.37
C VAL A 201 5.37 -4.89 -24.72
N GLY A 202 5.08 -5.69 -25.74
CA GLY A 202 5.60 -5.42 -27.06
C GLY A 202 4.98 -4.20 -27.73
N ALA A 203 3.75 -3.84 -27.34
CA ALA A 203 3.10 -2.68 -27.93
C ALA A 203 3.65 -1.36 -27.40
N GLN A 204 4.31 -1.36 -26.25
CA GLN A 204 4.85 -0.14 -25.67
C GLN A 204 6.10 0.27 -26.44
N ARG A 205 5.96 1.29 -27.29
CA ARG A 205 7.06 1.81 -28.08
C ARG A 205 7.81 2.94 -27.38
N SER A 206 7.41 3.28 -26.16
CA SER A 206 8.04 4.36 -25.41
C SER A 206 9.37 3.87 -24.83
N GLU A 207 10.00 4.72 -24.02
CA GLU A 207 11.28 4.35 -23.40
C GLU A 207 11.09 3.25 -22.38
N ARG A 208 11.87 2.18 -22.51
CA ARG A 208 11.72 1.03 -21.63
C ARG A 208 12.08 1.37 -20.18
N LYS A 209 13.14 2.15 -19.98
CA LYS A 209 13.64 2.41 -18.64
C LYS A 209 12.66 3.20 -17.79
N LYS A 210 11.70 3.89 -18.41
CA LYS A 210 10.74 4.69 -17.64
C LYS A 210 9.65 3.84 -17.01
N TRP A 211 9.45 2.60 -17.47
CA TRP A 211 8.42 1.74 -16.92
C TRP A 211 8.88 0.32 -16.65
N ILE A 212 10.15 0.01 -16.88
CA ILE A 212 10.62 -1.35 -16.63
C ILE A 212 10.69 -1.65 -15.14
N HIS A 213 10.80 -0.62 -14.29
CA HIS A 213 10.78 -0.84 -12.85
C HIS A 213 9.41 -1.22 -12.34
N CYS A 214 8.35 -0.96 -13.11
CA CYS A 214 7.01 -1.38 -12.71
C CYS A 214 6.89 -2.90 -12.63
N PHE A 215 7.76 -3.64 -13.32
CA PHE A 215 7.74 -5.09 -13.32
C PHE A 215 8.77 -5.69 -12.38
N GLU A 216 9.45 -4.86 -11.58
CA GLU A 216 10.31 -5.38 -10.54
C GLU A 216 9.48 -6.17 -9.53
N GLY A 217 9.92 -7.39 -9.23
CA GLY A 217 9.19 -8.26 -8.33
C GLY A 217 8.40 -9.36 -9.01
N VAL A 218 8.48 -9.49 -10.34
CA VAL A 218 7.83 -10.60 -11.02
C VAL A 218 8.56 -11.89 -10.67
N THR A 219 7.84 -13.01 -10.74
CA THR A 219 8.43 -14.29 -10.41
C THR A 219 9.56 -14.66 -11.37
N ALA A 220 9.32 -14.47 -12.67
CA ALA A 220 10.32 -14.82 -13.67
C ALA A 220 10.04 -14.02 -14.94
N ILE A 221 11.06 -13.96 -15.80
CA ILE A 221 10.96 -13.33 -17.10
C ILE A 221 11.07 -14.40 -18.17
N ILE A 222 10.11 -14.43 -19.08
CA ILE A 222 10.10 -15.39 -20.18
C ILE A 222 10.63 -14.68 -21.42
N PHE A 223 11.76 -15.15 -21.94
CA PHE A 223 12.42 -14.57 -23.09
C PHE A 223 12.33 -15.54 -24.26
N CYS A 224 11.86 -15.06 -25.40
CA CYS A 224 11.68 -15.88 -26.60
C CYS A 224 12.67 -15.48 -27.66
N VAL A 225 13.42 -16.46 -28.17
CA VAL A 225 14.41 -16.24 -29.22
C VAL A 225 14.16 -17.25 -30.32
N ALA A 226 14.14 -16.78 -31.57
CA ALA A 226 13.96 -17.65 -32.72
C ALA A 226 15.31 -18.19 -33.17
N LEU A 227 15.48 -19.51 -33.09
CA LEU A 227 16.74 -20.11 -33.52
C LEU A 227 16.92 -19.99 -35.03
N SER A 228 15.83 -20.02 -35.79
CA SER A 228 15.90 -19.94 -37.25
C SER A 228 16.39 -18.58 -37.73
N ASP A 229 16.40 -17.57 -36.88
CA ASP A 229 16.86 -16.23 -37.25
C ASP A 229 18.35 -16.03 -37.02
N TYR A 230 19.13 -17.10 -37.00
CA TYR A 230 20.57 -16.97 -36.79
C TYR A 230 21.25 -16.38 -38.03
N ASP A 231 20.76 -16.71 -39.22
CA ASP A 231 21.33 -16.21 -40.46
C ASP A 231 20.56 -15.04 -41.05
N LEU A 232 19.33 -14.80 -40.59
CA LEU A 232 18.54 -13.70 -41.11
C LEU A 232 19.10 -12.35 -40.65
N VAL A 233 18.74 -11.30 -41.38
CA VAL A 233 19.18 -9.94 -41.10
C VAL A 233 17.98 -9.11 -40.71
N LEU A 234 18.15 -8.25 -39.71
CA LEU A 234 17.06 -7.41 -39.24
C LEU A 234 16.56 -6.50 -40.37
N ALA A 235 15.24 -6.42 -40.50
CA ALA A 235 14.63 -5.66 -41.59
C ALA A 235 14.93 -4.17 -41.48
N GLU A 236 14.85 -3.62 -40.28
CA GLU A 236 15.03 -2.18 -40.11
C GLU A 236 16.45 -1.74 -40.44
N ASP A 237 17.44 -2.41 -39.86
CA ASP A 237 18.83 -2.01 -40.07
C ASP A 237 19.36 -2.48 -41.43
N GLU A 238 18.88 -3.63 -41.91
CA GLU A 238 19.31 -4.27 -43.17
C GLU A 238 20.75 -4.74 -43.13
N GLU A 239 21.46 -4.56 -42.02
CA GLU A 239 22.83 -5.04 -41.88
C GLU A 239 23.11 -5.68 -40.53
N MET A 240 22.12 -5.80 -39.66
CA MET A 240 22.29 -6.38 -38.34
C MET A 240 21.61 -7.74 -38.28
N ASN A 241 22.34 -8.75 -37.81
CA ASN A 241 21.79 -10.09 -37.70
C ASN A 241 20.72 -10.13 -36.61
N ARG A 242 19.66 -10.90 -36.86
CA ARG A 242 18.57 -11.00 -35.90
C ARG A 242 19.02 -11.63 -34.59
N MET A 243 19.90 -12.65 -34.66
CA MET A 243 20.37 -13.31 -33.46
C MET A 243 21.16 -12.34 -32.58
N HIS A 244 21.97 -11.47 -33.20
CA HIS A 244 22.69 -10.47 -32.43
C HIS A 244 21.74 -9.44 -31.82
N ALA A 245 20.63 -9.14 -32.50
CA ALA A 245 19.66 -8.22 -31.93
C ALA A 245 19.03 -8.81 -30.67
N SER A 246 18.73 -10.11 -30.69
CA SER A 246 18.17 -10.75 -29.50
C SER A 246 19.19 -10.79 -28.36
N MET A 247 20.47 -10.96 -28.69
CA MET A 247 21.50 -10.98 -27.67
C MET A 247 21.60 -9.64 -26.95
N LYS A 248 21.53 -8.54 -27.70
CA LYS A 248 21.56 -7.22 -27.08
C LYS A 248 20.34 -7.00 -26.20
N LEU A 249 19.17 -7.44 -26.65
CA LEU A 249 17.96 -7.33 -25.84
C LEU A 249 18.07 -8.23 -24.60
N PHE A 250 18.58 -9.45 -24.77
CA PHE A 250 18.74 -10.35 -23.63
C PHE A 250 19.76 -9.80 -22.64
N ASP A 251 20.87 -9.24 -23.14
CA ASP A 251 21.91 -8.73 -22.25
C ASP A 251 21.41 -7.56 -21.41
N SER A 252 20.63 -6.66 -22.03
CA SER A 252 20.13 -5.50 -21.29
C SER A 252 19.12 -5.91 -20.23
N ILE A 253 18.22 -6.83 -20.56
CA ILE A 253 17.20 -7.25 -19.60
C ILE A 253 17.83 -8.09 -18.48
N CYS A 254 18.72 -9.01 -18.84
CA CYS A 254 19.32 -9.89 -17.83
C CYS A 254 20.17 -9.10 -16.85
N ASN A 255 20.90 -8.11 -17.34
CA ASN A 255 21.81 -7.33 -16.51
C ASN A 255 21.18 -6.02 -16.03
N ASN A 256 19.87 -5.84 -16.22
CA ASN A 256 19.20 -4.66 -15.73
C ASN A 256 19.21 -4.63 -14.20
N LYS A 257 19.32 -3.43 -13.65
CA LYS A 257 19.41 -3.28 -12.20
C LYS A 257 18.11 -3.65 -11.49
N TRP A 258 16.98 -3.63 -12.19
CA TRP A 258 15.71 -3.97 -11.58
C TRP A 258 15.43 -5.47 -11.57
N PHE A 259 16.22 -6.26 -12.27
CA PHE A 259 16.04 -7.71 -12.35
C PHE A 259 17.30 -8.44 -11.91
N THR A 260 17.95 -7.94 -10.85
CA THR A 260 19.16 -8.57 -10.36
C THR A 260 18.87 -9.97 -9.81
N ASP A 261 17.77 -10.12 -9.07
CA ASP A 261 17.41 -11.39 -8.45
C ASP A 261 16.27 -12.09 -9.18
N THR A 262 15.97 -11.69 -10.41
CA THR A 262 14.85 -12.25 -11.16
C THR A 262 15.39 -13.30 -12.14
N SER A 263 14.88 -14.52 -12.02
CA SER A 263 15.28 -15.58 -12.94
C SER A 263 14.66 -15.38 -14.31
N ILE A 264 15.30 -15.93 -15.33
CA ILE A 264 14.87 -15.80 -16.71
C ILE A 264 14.61 -17.18 -17.29
N ILE A 265 13.43 -17.35 -17.87
CA ILE A 265 13.09 -18.57 -18.61
C ILE A 265 13.33 -18.28 -20.09
N LEU A 266 14.26 -19.02 -20.69
CA LEU A 266 14.68 -18.77 -22.06
C LEU A 266 14.05 -19.82 -22.97
N PHE A 267 13.30 -19.35 -23.97
CA PHE A 267 12.67 -20.21 -24.96
C PHE A 267 13.37 -20.00 -26.29
N LEU A 268 13.88 -21.08 -26.88
CA LEU A 268 14.54 -21.06 -28.18
C LEU A 268 13.59 -21.70 -29.18
N ASN A 269 12.78 -20.87 -29.83
CA ASN A 269 11.71 -21.35 -30.70
C ASN A 269 12.25 -21.71 -32.07
N LYS A 270 11.36 -22.21 -32.92
CA LYS A 270 11.67 -22.54 -34.31
C LYS A 270 12.81 -23.56 -34.42
N LYS A 271 12.82 -24.53 -33.51
CA LYS A 271 13.90 -25.53 -33.52
C LYS A 271 13.80 -26.44 -34.74
N ASP A 272 12.58 -26.73 -35.21
CA ASP A 272 12.44 -27.55 -36.41
C ASP A 272 12.92 -26.81 -37.65
N LEU A 273 12.58 -25.52 -37.76
CA LEU A 273 13.06 -24.72 -38.88
C LEU A 273 14.56 -24.45 -38.76
N PHE A 274 15.07 -24.33 -37.54
CA PHE A 274 16.50 -24.15 -37.35
C PHE A 274 17.28 -25.38 -37.83
N GLU A 275 16.73 -26.57 -37.60
CA GLU A 275 17.39 -27.79 -38.04
C GLU A 275 17.51 -27.82 -39.56
N GLU A 276 16.47 -27.38 -40.27
CA GLU A 276 16.53 -27.37 -41.72
C GLU A 276 17.53 -26.34 -42.24
N LYS A 277 17.55 -25.16 -41.63
CA LYS A 277 18.45 -24.10 -42.08
C LYS A 277 19.91 -24.44 -41.80
N ILE A 278 20.17 -25.33 -40.83
CA ILE A 278 21.55 -25.71 -40.51
C ILE A 278 22.17 -26.46 -41.68
N LYS A 279 21.41 -27.37 -42.30
CA LYS A 279 21.92 -28.11 -43.44
C LYS A 279 22.29 -27.19 -44.59
N LYS A 280 21.46 -26.18 -44.86
CA LYS A 280 21.73 -25.25 -45.94
C LYS A 280 22.76 -24.20 -45.53
N SER A 281 22.54 -23.53 -44.40
CA SER A 281 23.39 -22.45 -43.95
C SER A 281 24.05 -22.83 -42.63
N PRO A 282 25.37 -22.84 -42.54
CA PRO A 282 26.04 -23.17 -41.27
C PRO A 282 25.98 -22.01 -40.29
N LEU A 283 26.38 -22.31 -39.05
CA LEU A 283 26.38 -21.31 -37.99
C LEU A 283 27.49 -20.27 -38.16
N THR A 284 28.41 -20.48 -39.10
CA THR A 284 29.52 -19.54 -39.26
C THR A 284 29.04 -18.16 -39.67
N ILE A 285 27.89 -18.08 -40.32
CA ILE A 285 27.34 -16.77 -40.69
C ILE A 285 27.01 -15.95 -39.45
N CYS A 286 26.33 -16.58 -38.48
CA CYS A 286 26.00 -15.87 -37.25
C CYS A 286 27.24 -15.67 -36.37
N TYR A 287 28.04 -16.72 -36.23
CA TYR A 287 29.24 -16.68 -35.38
C TYR A 287 30.47 -16.93 -36.22
N PRO A 288 31.19 -15.88 -36.62
CA PRO A 288 32.44 -16.11 -37.36
C PRO A 288 33.46 -16.93 -36.58
N GLU A 289 33.51 -16.74 -35.26
CA GLU A 289 34.45 -17.49 -34.42
C GLU A 289 33.76 -18.68 -33.79
N TYR A 290 33.32 -19.61 -34.65
CA TYR A 290 32.66 -20.84 -34.22
C TYR A 290 33.44 -22.02 -34.79
N ALA A 291 34.07 -22.78 -33.90
CA ALA A 291 34.89 -23.92 -34.30
C ALA A 291 34.17 -25.25 -34.19
N GLY A 292 32.87 -25.23 -33.89
CA GLY A 292 32.11 -26.45 -33.75
C GLY A 292 31.69 -27.05 -35.08
N SER A 293 31.04 -28.20 -35.00
CA SER A 293 30.57 -28.91 -36.18
C SER A 293 29.27 -28.30 -36.67
N ASN A 294 28.63 -28.95 -37.64
CA ASN A 294 27.36 -28.49 -38.20
C ASN A 294 26.20 -29.42 -37.86
N THR A 295 26.37 -30.26 -36.83
CA THR A 295 25.27 -31.09 -36.38
C THR A 295 24.25 -30.24 -35.63
N TYR A 296 23.00 -30.72 -35.61
CA TYR A 296 21.93 -29.98 -34.93
C TYR A 296 22.20 -29.87 -33.44
N GLU A 297 22.65 -30.96 -32.82
CA GLU A 297 22.87 -30.95 -31.37
C GLU A 297 23.97 -29.99 -30.97
N GLU A 298 25.08 -29.99 -31.70
CA GLU A 298 26.18 -29.07 -31.37
C GLU A 298 25.80 -27.63 -31.68
N ALA A 299 25.13 -27.40 -32.81
CA ALA A 299 24.74 -26.04 -33.19
C ALA A 299 23.76 -25.44 -32.19
N ALA A 300 22.75 -26.23 -31.78
CA ALA A 300 21.76 -25.73 -30.83
C ALA A 300 22.39 -25.49 -29.46
N ALA A 301 23.27 -26.39 -29.03
CA ALA A 301 23.90 -26.24 -27.71
C ALA A 301 24.82 -25.02 -27.67
N TYR A 302 25.49 -24.72 -28.78
CA TYR A 302 26.38 -23.55 -28.80
C TYR A 302 25.59 -22.26 -28.61
N ILE A 303 24.43 -22.15 -29.26
CA ILE A 303 23.60 -20.95 -29.13
C ILE A 303 23.10 -20.82 -27.69
N GLN A 304 22.73 -21.94 -27.06
CA GLN A 304 22.26 -21.89 -25.68
C GLN A 304 23.35 -21.36 -24.75
N CYS A 305 24.59 -21.80 -24.95
CA CYS A 305 25.69 -21.34 -24.10
C CYS A 305 25.99 -19.86 -24.31
N GLN A 306 25.81 -19.36 -25.53
CA GLN A 306 26.09 -17.96 -25.81
C GLN A 306 25.17 -17.04 -25.02
N PHE A 307 23.88 -17.38 -24.94
CA PHE A 307 22.95 -16.58 -24.15
C PHE A 307 23.27 -16.66 -22.66
N GLU A 308 23.59 -17.86 -22.18
CA GLU A 308 23.91 -18.02 -20.76
C GLU A 308 25.22 -17.35 -20.37
N ASP A 309 26.13 -17.16 -21.32
CA ASP A 309 27.36 -16.45 -21.03
C ASP A 309 27.15 -14.95 -20.91
N LEU A 310 26.04 -14.43 -21.43
CA LEU A 310 25.71 -13.01 -21.29
C LEU A 310 25.27 -12.64 -19.89
N ASN A 311 25.01 -13.62 -19.02
CA ASN A 311 24.56 -13.35 -17.67
C ASN A 311 25.73 -13.00 -16.78
N LYS A 312 25.65 -11.85 -16.13
CA LYS A 312 26.68 -11.42 -15.18
C LYS A 312 26.28 -11.67 -13.73
N ARG A 313 25.00 -11.83 -13.44
CA ARG A 313 24.52 -12.13 -12.09
C ARG A 313 24.29 -13.63 -11.95
N LYS A 314 25.38 -14.40 -12.08
CA LYS A 314 25.27 -15.85 -12.02
C LYS A 314 24.91 -16.34 -10.63
N ASP A 315 25.38 -15.67 -9.58
CA ASP A 315 25.11 -16.12 -8.23
C ASP A 315 23.68 -15.80 -7.79
N THR A 316 23.16 -14.63 -8.18
CA THR A 316 21.87 -14.19 -7.68
C THR A 316 20.69 -14.69 -8.51
N LYS A 317 20.90 -14.99 -9.80
CA LYS A 317 19.83 -15.44 -10.66
C LYS A 317 20.28 -16.66 -11.46
N GLU A 318 19.29 -17.42 -11.91
CA GLU A 318 19.52 -18.60 -12.73
C GLU A 318 18.70 -18.50 -14.01
N ILE A 319 19.23 -19.04 -15.10
CA ILE A 319 18.60 -18.99 -16.41
C ILE A 319 18.15 -20.40 -16.77
N TYR A 320 16.86 -20.52 -17.11
CA TYR A 320 16.28 -21.79 -17.54
C TYR A 320 16.07 -21.73 -19.05
N THR A 321 16.69 -22.66 -19.78
CA THR A 321 16.65 -22.67 -21.23
C THR A 321 15.88 -23.88 -21.71
N HIS A 322 14.99 -23.68 -22.67
CA HIS A 322 14.18 -24.74 -23.24
C HIS A 322 14.11 -24.57 -24.75
N PHE A 323 14.04 -25.69 -25.46
CA PHE A 323 13.90 -25.70 -26.91
C PHE A 323 12.45 -26.02 -27.26
N THR A 324 11.79 -25.08 -27.93
CA THR A 324 10.37 -25.19 -28.22
C THR A 324 10.14 -25.26 -29.72
N CYS A 325 9.00 -25.84 -30.09
CA CYS A 325 8.56 -25.91 -31.47
C CYS A 325 7.07 -25.56 -31.52
N SER A 326 6.53 -25.49 -32.74
CA SER A 326 5.11 -25.20 -32.88
C SER A 326 4.25 -26.34 -32.36
N THR A 327 4.71 -27.59 -32.51
CA THR A 327 3.96 -28.76 -32.07
C THR A 327 4.26 -29.16 -30.64
N ASP A 328 5.18 -28.48 -29.96
CA ASP A 328 5.52 -28.85 -28.60
C ASP A 328 4.37 -28.53 -27.65
N THR A 329 4.15 -29.44 -26.69
CA THR A 329 3.11 -29.28 -25.69
C THR A 329 3.63 -29.28 -24.26
N LYS A 330 4.95 -29.47 -24.07
CA LYS A 330 5.55 -29.50 -22.75
C LYS A 330 6.07 -28.13 -22.30
N ASN A 331 5.81 -27.09 -23.08
CA ASN A 331 6.31 -25.76 -22.71
C ASN A 331 5.67 -25.25 -21.43
N VAL A 332 4.37 -25.52 -21.25
CA VAL A 332 3.70 -25.11 -20.01
C VAL A 332 4.26 -25.88 -18.82
N GLN A 333 4.61 -27.15 -19.02
CA GLN A 333 5.22 -27.92 -17.94
C GLN A 333 6.59 -27.37 -17.57
N PHE A 334 7.36 -26.93 -18.57
CA PHE A 334 8.67 -26.36 -18.28
C PHE A 334 8.56 -25.08 -17.47
N VAL A 335 7.58 -24.23 -17.81
CA VAL A 335 7.38 -23.00 -17.04
C VAL A 335 6.97 -23.32 -15.62
N PHE A 336 6.06 -24.29 -15.45
CA PHE A 336 5.62 -24.67 -14.11
C PHE A 336 6.78 -25.19 -13.27
N ASP A 337 7.63 -26.03 -13.86
CA ASP A 337 8.80 -26.53 -13.13
C ASP A 337 9.78 -25.41 -12.83
N ALA A 338 10.00 -24.51 -13.80
CA ALA A 338 10.95 -23.41 -13.59
C ALA A 338 10.43 -22.42 -12.57
N VAL A 339 9.12 -22.15 -12.58
CA VAL A 339 8.54 -21.22 -11.62
C VAL A 339 8.57 -21.80 -10.21
N THR A 340 8.27 -23.11 -10.08
CA THR A 340 8.29 -23.73 -8.77
C THR A 340 9.68 -23.70 -8.15
N ASP A 341 10.72 -23.91 -8.97
CA ASP A 341 12.08 -23.83 -8.47
C ASP A 341 12.41 -22.42 -8.00
N VAL A 342 11.96 -21.40 -8.74
CA VAL A 342 12.23 -20.01 -8.36
C VAL A 342 11.51 -19.66 -7.06
N ILE A 343 10.25 -20.11 -6.93
CA ILE A 343 9.48 -19.79 -5.74
C ILE A 343 10.10 -20.43 -4.51
N ILE A 344 10.53 -21.69 -4.62
CA ILE A 344 11.16 -22.37 -3.49
C ILE A 344 12.44 -21.67 -3.06
N LYS A 345 13.25 -21.25 -4.03
CA LYS A 345 14.48 -20.53 -3.70
C LYS A 345 14.16 -19.22 -3.01
N ASN A 346 13.12 -18.51 -3.45
CA ASN A 346 12.71 -17.29 -2.78
C ASN A 346 12.20 -17.57 -1.37
N ASN A 347 11.45 -18.66 -1.20
CA ASN A 347 10.96 -19.03 0.13
C ASN A 347 12.11 -19.34 1.07
N LEU A 348 13.13 -20.06 0.58
CA LEU A 348 14.29 -20.35 1.41
C LEU A 348 15.04 -19.08 1.77
N LYS A 349 15.09 -18.12 0.85
CA LYS A 349 15.68 -16.83 1.15
C LYS A 349 14.86 -16.07 2.20
N ASP A 350 13.53 -16.19 2.14
CA ASP A 350 12.68 -15.50 3.09
C ASP A 350 12.71 -16.15 4.47
N CYS A 351 12.94 -17.46 4.53
CA CYS A 351 12.96 -18.18 5.80
C CYS A 351 14.34 -18.23 6.43
N GLY A 352 15.36 -17.64 5.79
CA GLY A 352 16.68 -17.54 6.35
C GLY A 352 17.63 -18.66 5.97
N LEU A 353 17.14 -19.72 5.32
CA LEU A 353 18.02 -20.80 4.91
C LEU A 353 18.97 -20.36 3.80
N PHE A 354 18.46 -19.62 2.82
CA PHE A 354 19.30 -19.09 1.75
C PHE A 354 19.74 -17.68 2.08
N SER B 12 18.84 20.31 -50.36
CA SER B 12 18.90 21.73 -50.64
C SER B 12 17.93 22.51 -49.75
N GLU B 13 16.63 22.30 -49.99
CA GLU B 13 15.62 22.98 -49.19
C GLU B 13 15.68 22.52 -47.73
N LEU B 14 15.85 21.23 -47.50
CA LEU B 14 15.93 20.72 -46.14
C LEU B 14 17.17 21.25 -45.42
N ASP B 15 18.31 21.27 -46.11
CA ASP B 15 19.53 21.78 -45.50
C ASP B 15 19.40 23.26 -45.15
N GLN B 16 18.78 24.05 -46.04
CA GLN B 16 18.60 25.47 -45.78
C GLN B 16 17.67 25.70 -44.59
N LEU B 17 16.60 24.92 -44.48
CA LEU B 17 15.65 25.13 -43.40
C LEU B 17 16.26 24.81 -42.04
N ARG B 18 17.00 23.70 -41.94
CA ARG B 18 17.60 23.34 -40.66
C ARG B 18 18.69 24.33 -40.24
N GLN B 19 19.27 25.06 -41.19
CA GLN B 19 20.20 26.14 -40.82
C GLN B 19 19.45 27.33 -40.23
N GLU B 20 18.24 27.60 -40.73
CA GLU B 20 17.44 28.70 -40.18
C GLU B 20 17.01 28.41 -38.75
N ALA B 21 16.77 27.13 -38.42
CA ALA B 21 16.42 26.77 -37.05
C ALA B 21 17.57 27.09 -36.10
N GLU B 22 18.80 26.80 -36.52
CA GLU B 22 19.95 27.12 -35.69
C GLU B 22 20.08 28.62 -35.48
N GLN B 23 19.82 29.41 -36.53
CA GLN B 23 19.83 30.86 -36.38
C GLN B 23 18.75 31.33 -35.42
N LEU B 24 17.56 30.72 -35.49
CA LEU B 24 16.48 31.09 -34.57
C LEU B 24 16.82 30.71 -33.14
N LYS B 25 17.46 29.55 -32.94
CA LYS B 25 17.85 29.15 -31.59
C LYS B 25 18.86 30.13 -31.00
N ASN B 26 19.81 30.58 -31.81
CA ASN B 26 20.75 31.59 -31.33
C ASN B 26 20.06 32.90 -31.03
N GLN B 27 19.03 33.26 -31.83
CA GLN B 27 18.29 34.48 -31.57
C GLN B 27 17.57 34.42 -30.22
N ILE B 28 16.97 33.28 -29.90
CA ILE B 28 16.30 33.12 -28.62
C ILE B 28 17.32 33.15 -27.48
N ARG B 29 18.45 32.46 -27.65
CA ARG B 29 19.47 32.41 -26.62
C ARG B 29 20.04 33.80 -26.35
N ASP B 30 20.27 34.59 -27.41
CA ASP B 30 20.72 35.97 -27.23
C ASP B 30 19.67 36.81 -26.53
N ALA B 31 18.39 36.60 -26.87
CA ALA B 31 17.33 37.37 -26.24
C ALA B 31 17.24 37.09 -24.75
N ARG B 32 17.37 35.82 -24.36
CA ARG B 32 17.35 35.48 -22.94
C ARG B 32 18.56 36.05 -22.23
N LYS B 33 19.74 35.99 -22.87
CA LYS B 33 20.94 36.54 -22.26
C LYS B 33 20.86 38.05 -22.11
N ALA B 34 20.13 38.73 -23.01
CA ALA B 34 20.00 40.18 -22.92
C ALA B 34 19.27 40.59 -21.65
N CYS B 35 18.22 39.87 -21.28
CA CYS B 35 17.44 40.20 -20.10
C CYS B 35 17.96 39.52 -18.84
N ALA B 36 19.07 38.80 -18.92
CA ALA B 36 19.68 38.18 -17.74
C ALA B 36 20.64 39.16 -17.07
N ASP B 37 20.10 40.33 -16.70
CA ASP B 37 20.91 41.38 -16.09
C ASP B 37 21.45 40.94 -14.73
N ALA B 38 20.62 40.28 -13.92
CA ALA B 38 20.99 39.86 -12.58
C ALA B 38 20.63 38.38 -12.39
N THR B 39 20.98 37.87 -11.22
CA THR B 39 20.65 36.50 -10.84
C THR B 39 19.70 36.53 -9.65
N LEU B 40 18.79 35.55 -9.60
CA LEU B 40 17.90 35.41 -8.45
C LEU B 40 18.68 35.24 -7.15
N SER B 41 19.83 34.56 -7.21
CA SER B 41 20.67 34.41 -6.03
C SER B 41 21.15 35.76 -5.51
N GLN B 42 21.57 36.65 -6.41
CA GLN B 42 21.99 37.98 -6.00
C GLN B 42 20.83 38.78 -5.43
N ILE B 43 19.63 38.64 -6.00
CA ILE B 43 18.50 39.42 -5.55
C ILE B 43 18.10 39.04 -4.13
N THR B 44 18.12 37.75 -3.82
CA THR B 44 17.64 37.25 -2.53
C THR B 44 18.77 37.02 -1.55
N ASN B 45 19.95 37.60 -1.78
CA ASN B 45 21.06 37.43 -0.86
C ASN B 45 20.79 38.13 0.47
N ASN B 46 20.15 39.30 0.42
CA ASN B 46 19.96 40.10 1.63
C ASN B 46 18.94 39.48 2.58
N ILE B 47 17.91 38.81 2.05
CA ILE B 47 16.85 38.30 2.90
C ILE B 47 17.38 37.20 3.82
N ASP B 48 16.78 37.10 4.99
CA ASP B 48 17.21 36.12 5.98
C ASP B 48 16.80 34.72 5.55
N PRO B 49 17.56 33.70 5.94
CA PRO B 49 17.19 32.32 5.59
C PRO B 49 15.97 31.85 6.38
N VAL B 50 15.34 30.80 5.86
CA VAL B 50 14.19 30.22 6.52
C VAL B 50 14.55 29.43 7.76
N GLY B 51 15.83 29.23 8.03
CA GLY B 51 16.25 28.43 9.15
C GLY B 51 16.14 26.94 8.84
N ARG B 52 16.10 26.15 9.91
CA ARG B 52 15.93 24.71 9.80
C ARG B 52 14.45 24.37 9.84
N ILE B 53 13.99 23.62 8.84
CA ILE B 53 12.60 23.18 8.75
C ILE B 53 12.52 21.76 9.28
N GLN B 54 11.85 21.59 10.42
CA GLN B 54 11.68 20.29 11.06
C GLN B 54 10.22 19.88 10.93
N MET B 55 9.98 18.75 10.27
CA MET B 55 8.64 18.19 10.12
C MET B 55 8.60 16.78 10.67
N ARG B 56 7.52 16.47 11.38
CA ARG B 56 7.31 15.15 11.96
C ARG B 56 6.22 14.42 11.20
N THR B 57 6.29 13.08 11.24
CA THR B 57 5.26 12.24 10.62
C THR B 57 4.05 12.25 11.55
N ARG B 58 3.01 13.00 11.16
CA ARG B 58 1.78 13.02 11.93
C ARG B 58 0.92 11.78 11.67
N ARG B 59 0.86 11.32 10.43
CA ARG B 59 0.04 10.19 10.05
C ARG B 59 0.84 9.24 9.18
N THR B 60 0.53 7.95 9.30
CA THR B 60 1.04 6.94 8.37
C THR B 60 -0.17 6.20 7.79
N LEU B 61 -0.31 6.24 6.47
CA LEU B 61 -1.43 5.61 5.78
C LEU B 61 -1.00 4.22 5.32
N ARG B 62 -1.57 3.19 5.93
CA ARG B 62 -1.23 1.81 5.65
C ARG B 62 -2.41 1.11 5.00
N GLY B 63 -2.10 0.16 4.12
CA GLY B 63 -3.12 -0.60 3.41
C GLY B 63 -2.78 -0.92 1.97
N HIS B 64 -2.00 -0.07 1.33
CA HIS B 64 -1.41 -0.44 0.04
C HIS B 64 -0.40 -1.56 0.23
N LEU B 65 -0.47 -2.56 -0.65
CA LEU B 65 0.39 -3.73 -0.55
C LEU B 65 1.45 -3.78 -1.65
N ALA B 66 1.69 -2.66 -2.34
CA ALA B 66 2.71 -2.61 -3.38
C ALA B 66 3.24 -1.18 -3.45
N LYS B 67 4.12 -0.94 -4.41
CA LYS B 67 4.67 0.39 -4.62
C LYS B 67 3.57 1.40 -4.87
N ILE B 68 3.59 2.48 -4.10
CA ILE B 68 2.73 3.63 -4.38
C ILE B 68 3.39 4.47 -5.46
N TYR B 69 2.63 4.79 -6.51
CA TYR B 69 3.18 5.53 -7.64
C TYR B 69 2.68 6.96 -7.74
N ALA B 70 1.54 7.29 -7.15
CA ALA B 70 1.00 8.63 -7.27
C ALA B 70 0.08 8.91 -6.10
N MET B 71 -0.04 10.20 -5.77
CA MET B 71 -1.01 10.68 -4.79
C MET B 71 -1.46 12.06 -5.22
N HIS B 72 -2.67 12.43 -4.80
CA HIS B 72 -3.16 13.79 -5.06
C HIS B 72 -4.12 14.20 -3.97
N TRP B 73 -3.89 15.38 -3.38
CA TRP B 73 -4.80 15.92 -2.40
C TRP B 73 -6.09 16.41 -3.07
N GLY B 74 -7.20 16.26 -2.35
CA GLY B 74 -8.39 16.98 -2.70
C GLY B 74 -8.32 18.43 -2.27
N THR B 75 -9.22 19.25 -2.83
CA THR B 75 -9.16 20.68 -2.59
C THR B 75 -9.60 21.06 -1.18
N ASP B 76 -10.25 20.16 -0.45
CA ASP B 76 -10.63 20.42 0.93
C ASP B 76 -9.49 20.22 1.91
N SER B 77 -8.30 19.83 1.43
CA SER B 77 -7.10 19.65 2.24
C SER B 77 -7.26 18.55 3.28
N ARG B 78 -8.26 17.70 3.13
CA ARG B 78 -8.50 16.60 4.05
C ARG B 78 -8.53 15.23 3.37
N LEU B 79 -9.13 15.15 2.19
CA LEU B 79 -9.18 13.90 1.44
C LEU B 79 -8.03 13.84 0.44
N LEU B 80 -7.47 12.66 0.26
CA LEU B 80 -6.45 12.45 -0.75
C LEU B 80 -6.66 11.09 -1.39
N VAL B 81 -6.21 10.96 -2.63
CA VAL B 81 -6.28 9.71 -3.38
C VAL B 81 -4.85 9.26 -3.68
N SER B 82 -4.60 7.97 -3.49
CA SER B 82 -3.30 7.39 -3.79
C SER B 82 -3.47 6.20 -4.71
N ALA B 83 -2.49 5.99 -5.58
CA ALA B 83 -2.49 4.89 -6.53
C ALA B 83 -1.30 3.99 -6.26
N SER B 84 -1.56 2.69 -6.26
CA SER B 84 -0.51 1.69 -6.09
C SER B 84 -0.68 0.61 -7.15
N GLN B 85 0.40 -0.12 -7.41
CA GLN B 85 0.38 -1.19 -8.40
C GLN B 85 -0.06 -2.52 -7.80
N ASP B 86 -0.77 -2.50 -6.67
CA ASP B 86 -1.61 -3.61 -6.26
C ASP B 86 -2.99 -3.55 -6.89
N GLY B 87 -3.19 -2.65 -7.86
CA GLY B 87 -4.47 -2.49 -8.51
C GLY B 87 -5.55 -1.84 -7.66
N LYS B 88 -5.16 -0.98 -6.73
CA LYS B 88 -6.09 -0.36 -5.79
C LYS B 88 -5.92 1.15 -5.79
N LEU B 89 -7.02 1.85 -6.02
CA LEU B 89 -7.12 3.28 -5.73
C LEU B 89 -7.77 3.43 -4.36
N ILE B 90 -7.11 4.12 -3.45
CA ILE B 90 -7.63 4.34 -2.10
C ILE B 90 -7.79 5.83 -1.86
N ILE B 91 -8.94 6.21 -1.32
CA ILE B 91 -9.21 7.57 -0.87
C ILE B 91 -9.15 7.59 0.65
N TRP B 92 -8.30 8.45 1.20
CA TRP B 92 -8.02 8.48 2.62
C TRP B 92 -8.61 9.73 3.25
N ASP B 93 -9.14 9.58 4.46
CA ASP B 93 -9.42 10.70 5.35
C ASP B 93 -8.16 10.95 6.16
N SER B 94 -7.40 11.99 5.80
CA SER B 94 -6.08 12.17 6.38
C SER B 94 -6.16 12.55 7.86
N TYR B 95 -7.26 13.18 8.29
CA TYR B 95 -7.37 13.57 9.70
C TYR B 95 -7.49 12.35 10.61
N THR B 96 -8.23 11.34 10.17
CA THR B 96 -8.49 10.16 10.99
C THR B 96 -7.77 8.91 10.51
N THR B 97 -7.10 8.96 9.36
CA THR B 97 -6.54 7.83 8.64
C THR B 97 -7.59 6.81 8.20
N ASN B 98 -8.87 7.18 8.25
CA ASN B 98 -9.91 6.29 7.76
C ASN B 98 -9.83 6.18 6.24
N LYS B 99 -10.10 4.98 5.74
CA LYS B 99 -10.24 4.75 4.30
C LYS B 99 -11.67 5.07 3.89
N VAL B 100 -11.83 6.07 3.02
CA VAL B 100 -13.16 6.46 2.59
C VAL B 100 -13.63 5.57 1.45
N HIS B 101 -12.75 5.26 0.50
CA HIS B 101 -13.09 4.38 -0.62
C HIS B 101 -11.89 3.50 -0.95
N ALA B 102 -12.17 2.37 -1.58
CA ALA B 102 -11.13 1.52 -2.17
C ALA B 102 -11.62 1.09 -3.55
N ILE B 103 -11.00 1.64 -4.58
CA ILE B 103 -11.43 1.45 -5.96
C ILE B 103 -10.55 0.37 -6.59
N PRO B 104 -11.09 -0.80 -6.92
CA PRO B 104 -10.29 -1.81 -7.62
C PRO B 104 -10.11 -1.41 -9.08
N LEU B 105 -8.85 -1.40 -9.52
CA LEU B 105 -8.50 -0.98 -10.87
C LEU B 105 -8.54 -2.18 -11.82
N ARG B 106 -9.09 -1.96 -13.02
CA ARG B 106 -9.09 -2.99 -14.03
C ARG B 106 -7.67 -3.36 -14.46
N SER B 107 -6.81 -2.35 -14.60
CA SER B 107 -5.40 -2.56 -14.88
C SER B 107 -4.58 -2.11 -13.69
N SER B 108 -3.74 -3.00 -13.18
CA SER B 108 -2.98 -2.72 -11.96
C SER B 108 -1.74 -1.88 -12.21
N TRP B 109 -1.39 -1.63 -13.46
CA TRP B 109 -0.14 -0.95 -13.79
C TRP B 109 -0.31 0.56 -13.82
N VAL B 110 -0.88 1.10 -12.75
CA VAL B 110 -1.21 2.52 -12.67
C VAL B 110 0.06 3.33 -12.43
N MET B 111 0.14 4.49 -13.08
CA MET B 111 1.29 5.38 -12.94
C MET B 111 0.92 6.77 -12.43
N THR B 112 -0.34 7.17 -12.54
CA THR B 112 -0.77 8.50 -12.14
C THR B 112 -2.16 8.42 -11.55
N CYS B 113 -2.50 9.43 -10.74
CA CYS B 113 -3.85 9.57 -10.22
C CYS B 113 -4.13 11.05 -9.99
N ALA B 114 -5.40 11.43 -10.14
CA ALA B 114 -5.81 12.81 -9.95
C ALA B 114 -7.13 12.88 -9.21
N TYR B 115 -7.24 13.87 -8.33
CA TYR B 115 -8.48 14.17 -7.61
C TYR B 115 -9.11 15.41 -8.24
N ALA B 116 -10.37 15.30 -8.63
CA ALA B 116 -11.05 16.45 -9.22
C ALA B 116 -11.21 17.56 -8.19
N PRO B 117 -11.10 18.83 -8.59
CA PRO B 117 -11.30 19.91 -7.62
C PRO B 117 -12.69 19.94 -7.00
N SER B 118 -13.71 19.43 -7.69
CA SER B 118 -15.03 19.34 -7.10
C SER B 118 -15.13 18.23 -6.06
N GLY B 119 -14.25 17.23 -6.13
CA GLY B 119 -14.32 16.11 -5.22
C GLY B 119 -15.23 14.99 -5.66
N ASN B 120 -15.89 15.13 -6.81
CA ASN B 120 -16.83 14.13 -7.29
C ASN B 120 -16.20 13.05 -8.15
N TYR B 121 -14.96 13.25 -8.62
CA TYR B 121 -14.33 12.32 -9.53
C TYR B 121 -12.87 12.13 -9.17
N VAL B 122 -12.35 10.94 -9.49
CA VAL B 122 -10.91 10.69 -9.49
C VAL B 122 -10.55 10.01 -10.80
N ALA B 123 -9.30 10.17 -11.19
CA ALA B 123 -8.80 9.64 -12.45
C ALA B 123 -7.47 8.93 -12.21
N CYS B 124 -7.19 7.93 -13.05
CA CYS B 124 -5.93 7.22 -12.96
C CYS B 124 -5.66 6.53 -14.29
N GLY B 125 -4.42 6.09 -14.46
CA GLY B 125 -4.03 5.36 -15.66
C GLY B 125 -2.55 5.10 -15.73
N GLY B 126 -2.16 4.05 -16.46
CA GLY B 126 -0.76 3.69 -16.56
C GLY B 126 -0.37 3.08 -17.88
N LEU B 127 0.28 1.91 -17.81
CA LEU B 127 0.74 1.19 -19.00
C LEU B 127 -0.39 0.69 -19.88
N ASP B 128 -1.64 0.79 -19.43
CA ASP B 128 -2.77 0.40 -20.26
C ASP B 128 -3.18 1.47 -21.26
N ASN B 129 -2.50 2.62 -21.26
CA ASN B 129 -2.72 3.71 -22.22
C ASN B 129 -4.12 4.32 -22.09
N ILE B 130 -4.76 4.18 -20.94
CA ILE B 130 -6.13 4.62 -20.73
C ILE B 130 -6.17 5.51 -19.51
N CYS B 131 -6.93 6.60 -19.59
CA CYS B 131 -7.26 7.42 -18.44
C CYS B 131 -8.69 7.12 -18.03
N SER B 132 -8.86 6.49 -16.87
CA SER B 132 -10.16 6.06 -16.39
C SER B 132 -10.70 7.09 -15.40
N ILE B 133 -11.95 7.50 -15.58
CA ILE B 133 -12.61 8.45 -14.70
C ILE B 133 -13.57 7.68 -13.81
N TYR B 134 -13.49 7.91 -12.51
CA TYR B 134 -14.30 7.22 -11.52
C TYR B 134 -15.23 8.21 -10.83
N ASN B 135 -16.51 7.86 -10.76
CA ASN B 135 -17.50 8.71 -10.12
C ASN B 135 -17.58 8.35 -8.63
N LEU B 136 -17.32 9.34 -7.78
CA LEU B 136 -17.32 9.12 -6.34
C LEU B 136 -18.69 9.37 -5.71
N LYS B 137 -19.58 10.10 -6.38
CA LYS B 137 -20.89 10.47 -5.85
C LYS B 137 -21.95 9.84 -6.73
N THR B 138 -22.32 8.60 -6.42
CA THR B 138 -23.37 7.89 -7.13
C THR B 138 -24.50 7.54 -6.16
N ARG B 139 -25.72 7.46 -6.70
CA ARG B 139 -26.86 7.04 -5.89
C ARG B 139 -26.76 5.59 -5.45
N GLU B 140 -25.93 4.78 -6.11
CA GLU B 140 -25.78 3.38 -5.76
C GLU B 140 -24.84 3.15 -4.58
N GLY B 141 -24.10 4.17 -4.17
CA GLY B 141 -23.25 4.06 -3.00
C GLY B 141 -21.88 3.46 -3.26
N ASN B 142 -21.54 3.19 -4.52
CA ASN B 142 -20.24 2.64 -4.87
C ASN B 142 -19.58 3.52 -5.92
N VAL B 143 -18.26 3.41 -6.02
CA VAL B 143 -17.51 4.10 -7.05
C VAL B 143 -17.57 3.26 -8.33
N ARG B 144 -17.94 3.89 -9.44
CA ARG B 144 -18.01 3.22 -10.73
C ARG B 144 -17.19 4.00 -11.75
N VAL B 145 -16.71 3.28 -12.77
CA VAL B 145 -16.08 3.93 -13.91
C VAL B 145 -17.13 4.69 -14.70
N SER B 146 -16.89 5.98 -14.91
CA SER B 146 -17.77 6.79 -15.72
C SER B 146 -17.27 6.99 -17.15
N ARG B 147 -15.95 7.01 -17.36
CA ARG B 147 -15.38 7.18 -18.68
C ARG B 147 -14.01 6.52 -18.73
N GLU B 148 -13.69 5.96 -19.88
CA GLU B 148 -12.33 5.49 -20.19
C GLU B 148 -11.84 6.24 -21.42
N LEU B 149 -10.84 7.10 -21.23
CA LEU B 149 -10.34 7.97 -22.29
C LEU B 149 -9.24 7.23 -23.06
N ALA B 150 -9.59 6.74 -24.24
CA ALA B 150 -8.65 6.05 -25.11
C ALA B 150 -8.20 6.96 -26.24
N GLY B 151 -7.00 6.70 -26.76
CA GLY B 151 -6.43 7.54 -27.80
C GLY B 151 -4.94 7.73 -27.72
N HIS B 152 -4.36 7.67 -26.52
CA HIS B 152 -2.91 7.68 -26.39
C HIS B 152 -2.32 6.35 -26.83
N THR B 153 -1.18 6.42 -27.51
CA THR B 153 -0.46 5.22 -27.95
C THR B 153 0.73 4.89 -27.05
N GLY B 154 0.84 5.55 -25.90
CA GLY B 154 1.86 5.22 -24.92
C GLY B 154 1.27 5.23 -23.53
N TYR B 155 2.11 4.92 -22.54
CA TYR B 155 1.62 4.85 -21.17
C TYR B 155 1.19 6.23 -20.70
N LEU B 156 0.22 6.25 -19.79
CA LEU B 156 -0.25 7.50 -19.20
C LEU B 156 0.65 7.87 -18.03
N SER B 157 1.29 9.03 -18.11
CA SER B 157 2.24 9.44 -17.09
C SER B 157 1.67 10.43 -16.08
N CYS B 158 0.75 11.30 -16.51
CA CYS B 158 0.15 12.26 -15.60
C CYS B 158 -1.21 12.68 -16.13
N CYS B 159 -2.08 13.11 -15.20
CA CYS B 159 -3.41 13.59 -15.55
C CYS B 159 -3.83 14.61 -14.51
N ARG B 160 -4.55 15.64 -14.94
CA ARG B 160 -5.03 16.68 -14.04
C ARG B 160 -6.38 17.19 -14.53
N PHE B 161 -7.35 17.26 -13.62
CA PHE B 161 -8.65 17.82 -13.94
C PHE B 161 -8.57 19.34 -14.05
N LEU B 162 -9.25 19.88 -15.06
CA LEU B 162 -9.55 21.31 -15.09
C LEU B 162 -10.90 21.60 -14.43
N ASP B 163 -11.87 20.74 -14.67
CA ASP B 163 -13.17 20.78 -14.03
C ASP B 163 -13.77 19.38 -14.13
N ASP B 164 -15.06 19.26 -13.86
CA ASP B 164 -15.70 17.95 -13.90
C ASP B 164 -15.78 17.38 -15.31
N ASN B 165 -15.61 18.21 -16.34
CA ASN B 165 -15.76 17.76 -17.72
C ASN B 165 -14.47 17.76 -18.52
N GLN B 166 -13.41 18.43 -18.04
CA GLN B 166 -12.16 18.51 -18.79
C GLN B 166 -11.01 17.97 -17.94
N ILE B 167 -10.11 17.25 -18.60
CA ILE B 167 -8.89 16.73 -17.98
C ILE B 167 -7.77 16.76 -19.01
N VAL B 168 -6.56 17.04 -18.54
CA VAL B 168 -5.36 17.03 -19.39
C VAL B 168 -4.53 15.83 -19.00
N THR B 169 -4.08 15.06 -19.99
CA THR B 169 -3.24 13.89 -19.78
C THR B 169 -1.94 14.03 -20.54
N SER B 170 -0.85 13.57 -19.95
CA SER B 170 0.44 13.43 -20.62
C SER B 170 0.76 11.95 -20.78
N SER B 171 1.36 11.59 -21.90
CA SER B 171 1.60 10.21 -22.25
C SER B 171 3.06 10.00 -22.63
N GLY B 172 3.44 8.73 -22.71
CA GLY B 172 4.74 8.32 -23.21
C GLY B 172 4.86 8.30 -24.72
N ASP B 173 3.79 8.62 -25.43
CA ASP B 173 3.83 8.78 -26.88
C ASP B 173 4.22 10.19 -27.30
N THR B 174 4.84 10.96 -26.41
CA THR B 174 5.42 12.28 -26.65
C THR B 174 4.38 13.39 -26.79
N THR B 175 3.11 13.11 -26.51
CA THR B 175 2.05 14.09 -26.67
C THR B 175 1.24 14.24 -25.40
N CYS B 176 0.69 15.44 -25.21
CA CYS B 176 -0.33 15.71 -24.20
C CYS B 176 -1.67 15.92 -24.88
N ALA B 177 -2.75 15.64 -24.16
CA ALA B 177 -4.08 15.78 -24.72
C ALA B 177 -5.01 16.45 -23.73
N LEU B 178 -5.93 17.26 -24.25
CA LEU B 178 -7.05 17.80 -23.48
C LEU B 178 -8.31 17.04 -23.87
N TRP B 179 -9.04 16.55 -22.87
CA TRP B 179 -10.15 15.65 -23.10
C TRP B 179 -11.47 16.31 -22.69
N ASP B 180 -12.52 16.01 -23.46
CA ASP B 180 -13.89 16.27 -23.07
C ASP B 180 -14.45 14.97 -22.47
N ILE B 181 -14.65 14.97 -21.15
CA ILE B 181 -14.99 13.72 -20.47
C ILE B 181 -16.37 13.23 -20.90
N GLU B 182 -17.32 14.14 -21.10
CA GLU B 182 -18.67 13.72 -21.44
C GLU B 182 -18.72 13.00 -22.78
N THR B 183 -18.01 13.51 -23.78
CA THR B 183 -17.97 12.87 -25.09
C THR B 183 -16.87 11.84 -25.22
N GLY B 184 -15.90 11.81 -24.31
CA GLY B 184 -14.83 10.83 -24.35
C GLY B 184 -13.78 11.08 -25.42
N GLN B 185 -13.79 12.25 -26.05
CA GLN B 185 -12.86 12.57 -27.12
C GLN B 185 -11.89 13.65 -26.67
N GLN B 186 -10.66 13.57 -27.18
CA GLN B 186 -9.66 14.59 -26.89
C GLN B 186 -9.85 15.77 -27.84
N THR B 187 -10.25 16.91 -27.28
CA THR B 187 -10.53 18.09 -28.10
C THR B 187 -9.24 18.68 -28.67
N THR B 188 -8.17 18.70 -27.88
CA THR B 188 -6.91 19.28 -28.29
C THR B 188 -5.78 18.29 -28.04
N THR B 189 -4.83 18.23 -28.98
CA THR B 189 -3.63 17.43 -28.85
C THR B 189 -2.42 18.36 -28.84
N PHE B 190 -1.56 18.20 -27.84
CA PHE B 190 -0.38 19.05 -27.67
C PHE B 190 0.85 18.26 -28.10
N THR B 191 1.40 18.59 -29.26
CA THR B 191 2.55 17.91 -29.82
C THR B 191 3.76 18.84 -29.85
N GLY B 192 4.94 18.24 -29.82
CA GLY B 192 6.17 19.01 -29.88
C GLY B 192 7.31 18.44 -29.05
N HIS B 193 6.97 17.61 -28.07
CA HIS B 193 8.00 16.90 -27.31
C HIS B 193 8.56 15.76 -28.15
N THR B 194 9.89 15.60 -28.09
CA THR B 194 10.55 14.51 -28.80
C THR B 194 10.80 13.29 -27.92
N GLY B 195 10.40 13.34 -26.65
CA GLY B 195 10.52 12.21 -25.76
C GLY B 195 9.23 11.99 -24.99
N ASP B 196 9.26 10.95 -24.15
CA ASP B 196 8.10 10.62 -23.33
C ASP B 196 7.81 11.74 -22.34
N VAL B 197 6.60 12.28 -22.39
CA VAL B 197 6.18 13.28 -21.41
C VAL B 197 5.88 12.59 -20.10
N MET B 198 6.59 12.97 -19.04
CA MET B 198 6.51 12.27 -17.77
C MET B 198 5.62 12.95 -16.74
N SER B 199 5.37 14.25 -16.88
CA SER B 199 4.59 14.97 -15.88
C SER B 199 3.98 16.21 -16.52
N LEU B 200 2.97 16.76 -15.85
CA LEU B 200 2.41 18.04 -16.21
C LEU B 200 1.90 18.73 -14.96
N SER B 201 1.86 20.06 -15.01
CA SER B 201 1.31 20.86 -13.93
C SER B 201 0.40 21.93 -14.51
N LEU B 202 -0.75 22.13 -13.88
CA LEU B 202 -1.70 23.15 -14.31
C LEU B 202 -1.42 24.48 -13.61
N ALA B 203 -1.57 25.56 -14.37
CA ALA B 203 -1.51 26.88 -13.78
C ALA B 203 -2.74 27.12 -12.90
N PRO B 204 -2.61 27.98 -11.89
CA PRO B 204 -3.75 28.18 -10.96
C PRO B 204 -5.03 28.63 -11.65
N ASP B 205 -4.94 29.39 -12.74
CA ASP B 205 -6.11 29.80 -13.50
C ASP B 205 -6.54 28.78 -14.55
N THR B 206 -5.77 27.69 -14.69
CA THR B 206 -6.09 26.60 -15.62
C THR B 206 -6.20 27.09 -17.06
N ARG B 207 -5.48 28.16 -17.40
CA ARG B 207 -5.38 28.60 -18.78
C ARG B 207 -4.09 28.13 -19.45
N LEU B 208 -3.09 27.74 -18.67
CA LEU B 208 -1.82 27.25 -19.17
C LEU B 208 -1.44 26.00 -18.40
N PHE B 209 -0.56 25.20 -18.99
CA PHE B 209 0.06 24.11 -18.25
C PHE B 209 1.44 23.82 -18.82
N VAL B 210 2.35 23.43 -17.94
CA VAL B 210 3.71 23.06 -18.30
C VAL B 210 3.82 21.54 -18.23
N SER B 211 4.64 20.98 -19.13
CA SER B 211 4.91 19.55 -19.14
C SER B 211 6.40 19.31 -19.30
N GLY B 212 6.91 18.31 -18.60
CA GLY B 212 8.30 17.91 -18.70
C GLY B 212 8.39 16.52 -19.33
N ALA B 213 9.31 16.38 -20.27
CA ALA B 213 9.47 15.16 -21.06
C ALA B 213 10.87 14.59 -20.86
N CYS B 214 11.14 13.51 -21.57
CA CYS B 214 12.45 12.86 -21.54
C CYS B 214 13.44 13.47 -22.50
N ASP B 215 13.04 14.48 -23.27
CA ASP B 215 13.98 15.29 -24.02
C ASP B 215 14.62 16.40 -23.19
N ALA B 216 14.51 16.31 -21.86
CA ALA B 216 15.14 17.24 -20.92
C ALA B 216 14.64 18.67 -21.13
N SER B 217 13.42 18.83 -21.62
CA SER B 217 12.86 20.15 -21.90
C SER B 217 11.47 20.26 -21.31
N ALA B 218 11.10 21.48 -20.94
CA ALA B 218 9.78 21.79 -20.41
C ALA B 218 9.10 22.78 -21.34
N LYS B 219 7.88 22.46 -21.76
CA LYS B 219 7.13 23.29 -22.69
C LYS B 219 5.90 23.87 -21.99
N LEU B 220 5.62 25.14 -22.26
CA LEU B 220 4.45 25.83 -21.74
C LEU B 220 3.38 25.85 -22.82
N TRP B 221 2.21 25.30 -22.51
CA TRP B 221 1.13 25.13 -23.46
C TRP B 221 -0.05 26.01 -23.10
N ASP B 222 -0.71 26.57 -24.12
CA ASP B 222 -1.97 27.27 -23.93
C ASP B 222 -3.11 26.27 -24.10
N VAL B 223 -3.97 26.16 -23.09
CA VAL B 223 -5.02 25.15 -23.11
C VAL B 223 -6.02 25.46 -24.22
N ARG B 224 -6.50 26.70 -24.28
CA ARG B 224 -7.54 27.05 -25.24
C ARG B 224 -6.99 27.10 -26.66
N GLU B 225 -5.84 27.74 -26.86
CA GLU B 225 -5.29 27.88 -28.20
C GLU B 225 -4.69 26.57 -28.69
N GLY B 226 -4.06 25.81 -27.80
CA GLY B 226 -3.57 24.49 -28.15
C GLY B 226 -2.18 24.42 -28.74
N MET B 227 -1.38 25.47 -28.60
CA MET B 227 -0.02 25.48 -29.13
C MET B 227 0.98 25.71 -28.00
N CYS B 228 2.25 25.42 -28.29
CA CYS B 228 3.32 25.64 -27.32
C CYS B 228 3.75 27.11 -27.37
N ARG B 229 3.69 27.78 -26.22
CA ARG B 229 4.10 29.17 -26.16
C ARG B 229 5.61 29.31 -25.97
N GLN B 230 6.18 28.57 -25.03
CA GLN B 230 7.60 28.67 -24.72
C GLN B 230 8.18 27.29 -24.44
N THR B 231 9.48 27.15 -24.70
CA THR B 231 10.22 25.92 -24.43
C THR B 231 11.37 26.24 -23.48
N PHE B 232 11.50 25.44 -22.43
CA PHE B 232 12.52 25.66 -21.40
C PHE B 232 13.49 24.48 -21.40
N THR B 233 14.76 24.77 -21.60
CA THR B 233 15.81 23.76 -21.57
C THR B 233 16.84 24.12 -20.50
N GLY B 234 17.74 23.19 -20.24
CA GLY B 234 18.75 23.38 -19.21
C GLY B 234 19.04 22.14 -18.41
N HIS B 235 18.08 21.22 -18.34
CA HIS B 235 18.33 19.94 -17.72
C HIS B 235 19.21 19.06 -18.60
N GLU B 236 19.92 18.14 -17.98
CA GLU B 236 20.81 17.21 -18.68
C GLU B 236 20.24 15.81 -18.83
N SER B 237 19.11 15.52 -18.19
CA SER B 237 18.50 14.19 -18.27
C SER B 237 16.99 14.34 -18.25
N ASP B 238 16.30 13.20 -18.25
CA ASP B 238 14.84 13.19 -18.33
C ASP B 238 14.24 13.97 -17.16
N ILE B 239 13.23 14.79 -17.48
CA ILE B 239 12.46 15.47 -16.46
C ILE B 239 11.36 14.54 -15.97
N ASN B 240 11.29 14.34 -14.65
CA ASN B 240 10.30 13.45 -14.05
C ASN B 240 9.18 14.18 -13.34
N ALA B 241 9.39 15.43 -12.93
CA ALA B 241 8.43 16.14 -12.11
C ALA B 241 8.42 17.60 -12.49
N ILE B 242 7.29 18.26 -12.27
CA ILE B 242 7.12 19.66 -12.61
C ILE B 242 5.99 20.22 -11.75
N CYS B 243 6.13 21.48 -11.35
CA CYS B 243 5.16 22.10 -10.46
C CYS B 243 5.18 23.61 -10.66
N PHE B 244 4.00 24.20 -10.84
CA PHE B 244 3.88 25.64 -10.99
C PHE B 244 4.12 26.36 -9.66
N PHE B 245 4.73 27.54 -9.75
CA PHE B 245 4.81 28.43 -8.61
C PHE B 245 3.41 28.93 -8.24
N PRO B 246 3.14 29.18 -6.96
CA PRO B 246 1.77 29.49 -6.53
C PRO B 246 1.14 30.68 -7.23
N ASN B 247 1.93 31.65 -7.72
CA ASN B 247 1.36 32.77 -8.45
C ASN B 247 1.24 32.51 -9.95
N GLY B 248 1.75 31.38 -10.43
CA GLY B 248 1.63 31.01 -11.83
C GLY B 248 2.65 31.62 -12.75
N ASN B 249 3.60 32.40 -12.23
CA ASN B 249 4.60 33.06 -13.06
C ASN B 249 5.91 32.29 -13.13
N ALA B 250 6.00 31.13 -12.51
CA ALA B 250 7.21 30.33 -12.54
C ALA B 250 6.84 28.87 -12.31
N PHE B 251 7.79 27.98 -12.59
CA PHE B 251 7.60 26.57 -12.28
C PHE B 251 8.96 25.95 -11.99
N ALA B 252 8.94 24.84 -11.25
CA ALA B 252 10.13 24.09 -10.91
C ALA B 252 10.04 22.69 -11.49
N THR B 253 11.18 22.16 -11.89
CA THR B 253 11.28 20.83 -12.47
C THR B 253 12.24 19.97 -11.67
N GLY B 254 12.07 18.66 -11.79
CA GLY B 254 13.01 17.71 -11.23
C GLY B 254 13.41 16.68 -12.25
N SER B 255 14.71 16.40 -12.36
CA SER B 255 15.24 15.53 -13.39
C SER B 255 16.02 14.38 -12.75
N ASP B 256 16.51 13.48 -13.61
CA ASP B 256 17.36 12.39 -13.19
C ASP B 256 18.79 12.83 -12.91
N ASP B 257 19.15 14.07 -13.23
CA ASP B 257 20.49 14.58 -12.98
C ASP B 257 20.66 15.14 -11.58
N ALA B 258 19.76 14.79 -10.64
CA ALA B 258 19.87 15.17 -9.23
C ALA B 258 19.77 16.68 -9.03
N THR B 259 19.08 17.38 -9.93
CA THR B 259 18.96 18.83 -9.83
C THR B 259 17.50 19.24 -9.97
N CYS B 260 17.15 20.33 -9.30
CA CYS B 260 15.89 21.02 -9.50
C CYS B 260 16.18 22.43 -10.01
N ARG B 261 15.41 22.86 -11.00
CA ARG B 261 15.61 24.17 -11.62
C ARG B 261 14.32 24.96 -11.55
N LEU B 262 14.45 26.26 -11.29
CA LEU B 262 13.32 27.18 -11.25
C LEU B 262 13.32 28.02 -12.52
N PHE B 263 12.34 27.80 -13.38
CA PHE B 263 12.20 28.56 -14.61
C PHE B 263 11.14 29.64 -14.43
N ASP B 264 11.37 30.78 -15.09
CA ASP B 264 10.43 31.90 -15.07
C ASP B 264 9.72 31.98 -16.41
N LEU B 265 8.40 32.17 -16.36
CA LEU B 265 7.63 32.26 -17.59
C LEU B 265 7.93 33.56 -18.33
N ARG B 266 7.90 34.69 -17.63
CA ARG B 266 8.04 35.98 -18.29
C ARG B 266 9.48 36.26 -18.70
N ALA B 267 10.44 35.87 -17.87
CA ALA B 267 11.84 35.98 -18.26
C ALA B 267 12.27 34.87 -19.21
N ASP B 268 11.47 33.82 -19.35
CA ASP B 268 11.68 32.77 -20.35
C ASP B 268 13.05 32.11 -20.19
N GLN B 269 13.46 31.86 -18.95
CA GLN B 269 14.76 31.25 -18.70
C GLN B 269 14.80 30.70 -17.28
N GLU B 270 15.83 29.90 -17.03
CA GLU B 270 16.08 29.36 -15.70
C GLU B 270 16.55 30.46 -14.75
N LEU B 271 16.08 30.39 -13.50
CA LEU B 271 16.45 31.36 -12.48
C LEU B 271 17.34 30.80 -11.38
N MET B 272 17.21 29.51 -11.07
CA MET B 272 17.94 28.96 -9.93
C MET B 272 18.00 27.44 -10.07
N THR B 273 19.11 26.87 -9.60
CA THR B 273 19.32 25.43 -9.59
C THR B 273 19.44 24.94 -8.15
N TYR B 274 18.78 23.84 -7.85
CA TYR B 274 18.75 23.26 -6.50
C TYR B 274 19.41 21.89 -6.55
N SER B 275 20.70 21.84 -6.25
CA SER B 275 21.43 20.59 -6.24
C SER B 275 22.48 20.62 -5.14
N HIS B 276 22.87 19.42 -4.70
CA HIS B 276 23.90 19.26 -3.68
C HIS B 276 24.88 18.19 -4.13
N ASP B 277 26.11 18.29 -3.63
CA ASP B 277 27.15 17.34 -4.02
C ASP B 277 26.85 15.93 -3.52
N ASN B 278 26.25 15.81 -2.33
CA ASN B 278 25.88 14.50 -1.82
C ASN B 278 24.77 13.86 -2.65
N ILE B 279 23.92 14.66 -3.28
CA ILE B 279 22.77 14.15 -4.01
C ILE B 279 23.23 13.70 -5.39
N ILE B 280 23.10 12.41 -5.68
CA ILE B 280 23.52 11.85 -6.96
C ILE B 280 22.39 11.02 -7.56
N CYS B 281 21.22 11.05 -6.92
CA CYS B 281 20.09 10.23 -7.34
C CYS B 281 19.06 11.08 -8.08
N GLY B 282 18.20 10.40 -8.85
CA GLY B 282 17.18 11.09 -9.59
C GLY B 282 16.08 11.64 -8.71
N ILE B 283 15.35 12.59 -9.25
CA ILE B 283 14.24 13.25 -8.56
C ILE B 283 12.93 12.75 -9.14
N THR B 284 11.98 12.43 -8.25
CA THR B 284 10.71 11.84 -8.66
C THR B 284 9.54 12.81 -8.58
N SER B 285 9.55 13.76 -7.64
CA SER B 285 8.40 14.61 -7.42
C SER B 285 8.87 15.94 -6.86
N VAL B 286 8.12 17.01 -7.19
CA VAL B 286 8.41 18.35 -6.72
C VAL B 286 7.10 19.03 -6.37
N SER B 287 7.16 19.91 -5.37
CA SER B 287 5.99 20.70 -4.97
C SER B 287 6.47 21.93 -4.22
N PHE B 288 5.58 22.92 -4.14
CA PHE B 288 5.84 24.16 -3.42
C PHE B 288 4.96 24.25 -2.20
N SER B 289 5.44 24.97 -1.19
CA SER B 289 4.59 25.35 -0.07
C SER B 289 3.60 26.42 -0.52
N LYS B 290 2.65 26.73 0.38
CA LYS B 290 1.55 27.61 0.00
C LYS B 290 2.05 28.99 -0.42
N SER B 291 3.04 29.53 0.31
CA SER B 291 3.64 30.80 -0.07
C SER B 291 4.69 30.67 -1.16
N GLY B 292 5.09 29.44 -1.51
CA GLY B 292 6.11 29.22 -2.51
C GLY B 292 7.54 29.37 -2.02
N ARG B 293 7.73 29.68 -0.74
CA ARG B 293 9.09 29.87 -0.22
C ARG B 293 9.85 28.55 -0.12
N LEU B 294 9.15 27.45 0.05
CA LEU B 294 9.77 26.13 0.17
C LEU B 294 9.51 25.31 -1.08
N LEU B 295 10.55 24.64 -1.55
CA LEU B 295 10.45 23.67 -2.64
C LEU B 295 10.76 22.29 -2.09
N LEU B 296 9.76 21.41 -2.10
CA LEU B 296 9.92 20.05 -1.59
C LEU B 296 10.09 19.10 -2.77
N ALA B 297 11.13 18.27 -2.69
CA ALA B 297 11.46 17.35 -3.77
C ALA B 297 11.65 15.96 -3.21
N GLY B 298 11.08 14.96 -3.88
CA GLY B 298 11.28 13.56 -3.55
C GLY B 298 12.40 12.96 -4.39
N TYR B 299 13.16 12.06 -3.78
CA TYR B 299 14.39 11.58 -4.36
C TYR B 299 14.41 10.05 -4.38
N ASP B 300 15.31 9.49 -5.18
CA ASP B 300 15.52 8.05 -5.22
C ASP B 300 16.23 7.53 -3.97
N ASP B 301 16.93 8.38 -3.23
CA ASP B 301 17.68 7.95 -2.06
C ASP B 301 16.81 7.85 -0.81
N PHE B 302 15.51 7.68 -0.99
CA PHE B 302 14.50 7.40 0.05
C PHE B 302 14.14 8.65 0.85
N ASN B 303 14.61 9.83 0.46
CA ASN B 303 14.44 11.03 1.26
C ASN B 303 13.67 12.10 0.49
N CYS B 304 13.15 13.05 1.23
CA CYS B 304 12.52 14.26 0.67
C CYS B 304 13.27 15.46 1.21
N ASN B 305 13.87 16.24 0.31
CA ASN B 305 14.65 17.41 0.68
C ASN B 305 13.82 18.67 0.53
N VAL B 306 13.76 19.47 1.58
CA VAL B 306 13.07 20.76 1.56
C VAL B 306 14.09 21.84 1.23
N TRP B 307 13.87 22.54 0.12
CA TRP B 307 14.78 23.58 -0.34
C TRP B 307 14.21 24.96 -0.06
N ASP B 308 15.11 25.92 0.14
CA ASP B 308 14.74 27.34 0.13
C ASP B 308 14.66 27.77 -1.33
N ALA B 309 13.45 28.10 -1.79
CA ALA B 309 13.26 28.43 -3.21
C ALA B 309 14.05 29.68 -3.60
N LEU B 310 14.06 30.68 -2.73
CA LEU B 310 14.71 31.95 -3.06
C LEU B 310 16.22 31.86 -2.96
N LYS B 311 16.74 31.16 -1.95
CA LYS B 311 18.17 31.17 -1.66
C LYS B 311 18.88 29.87 -2.02
N ALA B 312 18.16 28.87 -2.54
CA ALA B 312 18.74 27.59 -2.96
C ALA B 312 19.50 26.90 -1.83
N ASP B 313 18.96 26.98 -0.62
CA ASP B 313 19.52 26.30 0.54
C ASP B 313 18.63 25.13 0.93
N ARG B 314 19.25 24.00 1.26
CA ARG B 314 18.50 22.84 1.73
C ARG B 314 18.01 23.11 3.15
N ALA B 315 16.72 23.40 3.29
CA ALA B 315 16.19 23.79 4.59
C ALA B 315 16.00 22.62 5.53
N GLY B 316 15.65 21.45 5.00
CA GLY B 316 15.43 20.30 5.87
C GLY B 316 15.31 19.03 5.06
N VAL B 317 15.12 17.93 5.78
CA VAL B 317 15.02 16.59 5.18
C VAL B 317 13.85 15.87 5.82
N LEU B 318 13.02 15.25 5.00
CA LEU B 318 11.99 14.32 5.48
C LEU B 318 12.49 12.90 5.21
N ALA B 319 12.96 12.23 6.25
CA ALA B 319 13.50 10.88 6.15
C ALA B 319 12.59 9.94 6.93
N GLY B 320 11.62 9.35 6.23
CA GLY B 320 10.70 8.43 6.86
C GLY B 320 10.28 7.27 5.99
N HIS B 321 11.01 7.00 4.91
CA HIS B 321 10.67 5.93 4.00
C HIS B 321 11.89 5.06 3.73
N ASP B 322 11.64 3.78 3.49
CA ASP B 322 12.69 2.80 3.25
C ASP B 322 12.85 2.46 1.77
N ASN B 323 12.15 3.17 0.89
CA ASN B 323 12.31 2.99 -0.55
C ASN B 323 12.12 4.34 -1.21
N ARG B 324 12.04 4.34 -2.54
CA ARG B 324 11.94 5.59 -3.29
C ARG B 324 10.73 6.39 -2.84
N VAL B 325 10.93 7.70 -2.65
CA VAL B 325 9.82 8.63 -2.55
C VAL B 325 9.31 8.86 -3.97
N SER B 326 8.14 8.28 -4.29
CA SER B 326 7.63 8.31 -5.65
C SER B 326 6.77 9.52 -5.94
N CYS B 327 6.18 10.14 -4.92
CA CYS B 327 5.26 11.23 -5.13
C CYS B 327 5.15 12.03 -3.84
N LEU B 328 4.76 13.29 -3.98
CA LEU B 328 4.45 14.12 -2.82
C LEU B 328 3.51 15.22 -3.27
N GLY B 329 2.84 15.82 -2.28
CA GLY B 329 1.92 16.90 -2.56
C GLY B 329 1.63 17.70 -1.31
N VAL B 330 1.37 18.99 -1.51
CA VAL B 330 1.09 19.92 -0.42
C VAL B 330 -0.38 20.32 -0.53
N THR B 331 -1.05 20.39 0.61
CA THR B 331 -2.46 20.72 0.63
C THR B 331 -2.68 22.14 0.13
N ASP B 332 -3.92 22.43 -0.29
CA ASP B 332 -4.24 23.76 -0.78
C ASP B 332 -4.13 24.82 0.31
N ASP B 333 -4.47 24.47 1.56
CA ASP B 333 -4.29 25.41 2.65
C ASP B 333 -2.87 25.47 3.18
N GLY B 334 -1.99 24.61 2.67
CA GLY B 334 -0.59 24.63 3.08
C GLY B 334 -0.30 24.00 4.41
N MET B 335 -1.25 23.27 4.99
CA MET B 335 -1.09 22.80 6.37
C MET B 335 -0.12 21.64 6.46
N ALA B 336 -0.13 20.75 5.48
CA ALA B 336 0.66 19.52 5.58
C ALA B 336 1.15 19.11 4.19
N VAL B 337 2.14 18.22 4.18
CA VAL B 337 2.67 17.64 2.96
C VAL B 337 2.60 16.12 3.10
N ALA B 338 2.13 15.46 2.05
CA ALA B 338 2.07 14.00 2.01
C ALA B 338 3.17 13.47 1.10
N THR B 339 3.79 12.37 1.52
CA THR B 339 4.81 11.69 0.72
C THR B 339 4.38 10.24 0.51
N GLY B 340 4.38 9.81 -0.74
CA GLY B 340 4.14 8.42 -1.08
C GLY B 340 5.44 7.76 -1.50
N SER B 341 5.51 6.45 -1.34
CA SER B 341 6.78 5.76 -1.52
C SER B 341 6.55 4.35 -2.04
N TRP B 342 7.62 3.78 -2.61
CA TRP B 342 7.64 2.39 -3.05
C TRP B 342 7.57 1.40 -1.88
N ASP B 343 7.73 1.85 -0.65
CA ASP B 343 7.60 0.98 0.51
C ASP B 343 6.14 0.74 0.91
N SER B 344 5.19 1.26 0.12
CA SER B 344 3.75 1.05 0.25
C SER B 344 3.11 1.88 1.35
N PHE B 345 3.78 2.91 1.84
CA PHE B 345 3.22 3.75 2.91
C PHE B 345 3.12 5.20 2.44
N LEU B 346 2.13 5.89 3.00
CA LEU B 346 1.99 7.34 2.85
C LEU B 346 2.17 7.99 4.22
N LYS B 347 2.85 9.12 4.25
CA LYS B 347 3.10 9.84 5.50
C LYS B 347 2.71 11.30 5.34
N ILE B 348 2.15 11.85 6.41
CA ILE B 348 1.73 13.26 6.46
C ILE B 348 2.68 13.99 7.39
N TRP B 349 3.22 15.11 6.93
CA TRP B 349 4.23 15.86 7.65
C TRP B 349 3.79 17.29 7.86
N ASN B 350 4.12 17.84 9.04
CA ASN B 350 4.13 19.28 9.25
C ASN B 350 4.98 19.56 10.49
N GLY B 351 5.33 20.84 10.67
CA GLY B 351 6.17 21.23 11.78
C GLY B 351 5.38 21.56 13.02
N SER B 352 6.12 21.91 14.07
CA SER B 352 5.54 22.33 15.34
C SER B 352 6.29 23.56 15.85
N SER B 353 5.57 24.42 16.54
CA SER B 353 6.16 25.63 17.11
C SER B 353 7.15 25.29 18.22
N THR C 6 9.17 13.02 -48.26
CA THR C 6 9.02 14.44 -47.92
C THR C 6 8.58 14.63 -46.48
N ALA C 7 8.87 13.62 -45.64
CA ALA C 7 8.53 13.73 -44.23
C ALA C 7 9.46 14.68 -43.49
N SER C 8 10.76 14.61 -43.77
CA SER C 8 11.71 15.47 -43.09
C SER C 8 11.50 16.94 -43.44
N ILE C 9 11.23 17.24 -44.71
CA ILE C 9 11.05 18.62 -45.13
C ILE C 9 9.78 19.21 -44.52
N ALA C 10 8.73 18.39 -44.37
CA ALA C 10 7.51 18.84 -43.73
C ALA C 10 7.73 19.12 -42.25
N GLN C 11 8.49 18.26 -41.57
CA GLN C 11 8.81 18.49 -40.16
C GLN C 11 9.70 19.72 -39.98
N ALA C 12 10.61 19.95 -40.92
CA ALA C 12 11.51 21.10 -40.81
C ALA C 12 10.75 22.42 -40.85
N ARG C 13 9.73 22.51 -41.72
CA ARG C 13 8.94 23.73 -41.80
C ARG C 13 8.21 24.01 -40.49
N LYS C 14 7.66 22.94 -39.88
CA LYS C 14 6.93 23.12 -38.62
C LYS C 14 7.86 23.55 -37.49
N LEU C 15 9.04 22.94 -37.40
CA LEU C 15 9.98 23.29 -36.34
C LEU C 15 10.47 24.73 -36.50
N VAL C 16 10.76 25.15 -37.72
CA VAL C 16 11.17 26.54 -37.95
C VAL C 16 10.04 27.50 -37.60
N GLU C 17 8.81 27.16 -37.99
CA GLU C 17 7.68 28.04 -37.71
C GLU C 17 7.43 28.16 -36.22
N GLN C 18 7.62 27.06 -35.47
CA GLN C 18 7.44 27.11 -34.03
C GLN C 18 8.48 28.02 -33.37
N LEU C 19 9.73 27.93 -33.82
CA LEU C 19 10.79 28.75 -33.23
C LEU C 19 10.55 30.24 -33.48
N LYS C 20 9.85 30.58 -34.56
CA LYS C 20 9.52 31.98 -34.81
C LYS C 20 8.56 32.51 -33.75
N MET C 21 7.56 31.71 -33.36
CA MET C 21 6.61 32.16 -32.35
C MET C 21 7.29 32.36 -31.01
N GLU C 22 8.20 31.45 -30.63
CA GLU C 22 8.86 31.56 -29.34
C GLU C 22 9.86 32.71 -29.30
N ALA C 23 10.42 33.09 -30.45
CA ALA C 23 11.41 34.15 -30.50
C ALA C 23 10.79 35.55 -30.50
N ASN C 24 9.48 35.66 -30.66
CA ASN C 24 8.81 36.95 -30.78
C ASN C 24 8.08 37.36 -29.50
N ILE C 25 8.34 36.66 -28.39
CA ILE C 25 7.66 36.98 -27.15
C ILE C 25 8.40 38.10 -26.43
N ASP C 26 7.67 38.82 -25.57
CA ASP C 26 8.26 39.87 -24.75
C ASP C 26 8.85 39.27 -23.48
N ARG C 27 10.10 39.59 -23.22
CA ARG C 27 10.82 39.08 -22.06
C ARG C 27 11.13 40.21 -21.10
N ILE C 28 10.80 40.02 -19.83
CA ILE C 28 11.15 40.98 -18.80
C ILE C 28 12.52 40.62 -18.23
N LYS C 29 13.11 41.56 -17.51
CA LYS C 29 14.42 41.33 -16.91
C LYS C 29 14.34 40.28 -15.81
N VAL C 30 15.44 39.57 -15.60
CA VAL C 30 15.50 38.57 -14.54
C VAL C 30 15.36 39.23 -13.17
N SER C 31 15.91 40.44 -13.02
CA SER C 31 15.76 41.16 -11.76
C SER C 31 14.30 41.49 -11.50
N LYS C 32 13.57 41.89 -12.53
CA LYS C 32 12.13 42.14 -12.36
C LYS C 32 11.39 40.87 -11.99
N ALA C 33 11.73 39.75 -12.65
CA ALA C 33 11.09 38.48 -12.33
C ALA C 33 11.49 37.99 -10.94
N ALA C 34 12.76 38.18 -10.56
CA ALA C 34 13.21 37.78 -9.24
C ALA C 34 12.49 38.57 -8.14
N ALA C 35 12.30 39.86 -8.37
CA ALA C 35 11.63 40.70 -7.36
C ALA C 35 10.19 40.26 -7.17
N ASP C 36 9.51 39.90 -8.26
CA ASP C 36 8.12 39.45 -8.15
C ASP C 36 8.01 38.16 -7.35
N LEU C 37 8.93 37.22 -7.58
CA LEU C 37 8.93 35.99 -6.78
C LEU C 37 9.22 36.28 -5.32
N MET C 38 10.18 37.17 -5.05
CA MET C 38 10.50 37.54 -3.67
C MET C 38 9.34 38.26 -3.02
N ALA C 39 8.63 39.11 -3.76
CA ALA C 39 7.49 39.84 -3.21
C ALA C 39 6.36 38.89 -2.84
N TYR C 40 6.06 37.92 -3.70
CA TYR C 40 4.97 36.99 -3.42
C TYR C 40 5.27 36.14 -2.19
N CYS C 41 6.52 35.68 -2.06
CA CYS C 41 6.89 34.90 -0.88
C CYS C 41 6.76 35.72 0.40
N GLU C 42 7.19 36.98 0.35
CA GLU C 42 7.11 37.84 1.53
C GLU C 42 5.67 38.11 1.92
N ALA C 43 4.80 38.39 0.93
CA ALA C 43 3.43 38.78 1.23
C ALA C 43 2.63 37.62 1.83
N HIS C 44 2.90 36.39 1.43
CA HIS C 44 2.15 35.24 1.89
C HIS C 44 2.90 34.40 2.91
N ALA C 45 3.97 34.94 3.49
CA ALA C 45 4.79 34.16 4.42
C ALA C 45 4.02 33.76 5.66
N LYS C 46 3.19 34.66 6.20
CA LYS C 46 2.50 34.39 7.44
C LYS C 46 1.44 33.30 7.29
N GLU C 47 0.81 33.21 6.13
CA GLU C 47 -0.22 32.20 5.88
C GLU C 47 0.34 30.90 5.30
N ASP C 48 1.63 30.62 5.54
CA ASP C 48 2.23 29.37 5.12
C ASP C 48 2.52 28.51 6.34
N PRO C 49 1.68 27.51 6.64
CA PRO C 49 1.92 26.68 7.83
C PRO C 49 3.23 25.91 7.78
N LEU C 50 3.67 25.47 6.60
CA LEU C 50 4.93 24.72 6.53
C LEU C 50 6.12 25.61 6.84
N LEU C 51 6.10 26.86 6.36
CA LEU C 51 7.19 27.79 6.66
C LEU C 51 7.18 28.19 8.13
N THR C 52 6.02 28.58 8.64
CA THR C 52 5.86 28.96 10.05
C THR C 52 4.83 28.04 10.68
N PRO C 53 5.26 26.99 11.38
CA PRO C 53 4.29 26.05 11.96
C PRO C 53 3.33 26.73 12.92
N VAL C 54 2.07 26.32 12.84
CA VAL C 54 0.98 26.91 13.64
C VAL C 54 1.00 26.29 15.02
N PRO C 55 0.40 26.92 16.03
CA PRO C 55 0.29 26.27 17.35
C PRO C 55 -0.51 24.98 17.26
N ALA C 56 -0.19 24.05 18.16
CA ALA C 56 -0.79 22.72 18.13
C ALA C 56 -2.32 22.78 18.17
N SER C 57 -2.88 23.82 18.76
CA SER C 57 -4.34 23.95 18.79
C SER C 57 -4.91 24.17 17.39
N GLU C 58 -4.14 24.79 16.49
CA GLU C 58 -4.58 25.10 15.15
C GLU C 58 -4.12 24.08 14.12
N ASN C 59 -3.48 23.00 14.56
CA ASN C 59 -2.95 21.98 13.65
C ASN C 59 -3.94 20.84 13.55
N PRO C 60 -4.56 20.62 12.39
CA PRO C 60 -5.49 19.48 12.25
C PRO C 60 -4.83 18.12 12.41
N PHE C 61 -3.50 18.02 12.29
CA PHE C 61 -2.79 16.76 12.31
C PHE C 61 -2.01 16.55 13.60
N ARG C 62 -2.57 17.00 14.73
CA ARG C 62 -1.94 16.82 16.05
C ARG C 62 -1.48 15.37 16.28
N VAL D 1 -32.79 3.26 -7.09
CA VAL D 1 -32.75 2.79 -5.71
C VAL D 1 -34.16 2.51 -5.22
N GLN D 2 -34.39 1.32 -4.69
CA GLN D 2 -35.70 0.89 -4.24
C GLN D 2 -35.58 0.19 -2.89
N LEU D 3 -36.57 0.39 -2.03
CA LEU D 3 -36.66 -0.31 -0.75
C LEU D 3 -38.13 -0.68 -0.52
N VAL D 4 -38.45 -1.96 -0.64
CA VAL D 4 -39.81 -2.45 -0.54
C VAL D 4 -39.94 -3.27 0.74
N GLU D 5 -40.88 -2.88 1.59
CA GLU D 5 -41.13 -3.59 2.84
C GLU D 5 -42.34 -4.52 2.67
N SER D 6 -42.31 -5.63 3.40
CA SER D 6 -43.40 -6.59 3.38
C SER D 6 -43.44 -7.33 4.71
N GLY D 7 -44.55 -8.03 4.94
CA GLY D 7 -44.75 -8.79 6.16
C GLY D 7 -45.63 -8.14 7.20
N GLY D 8 -46.01 -6.88 7.00
CA GLY D 8 -46.88 -6.21 7.95
C GLY D 8 -48.32 -6.66 7.84
N GLY D 9 -49.07 -6.41 8.90
CA GLY D 9 -50.47 -6.77 8.92
C GLY D 9 -50.97 -6.87 10.35
N LEU D 10 -52.26 -7.19 10.46
CA LEU D 10 -52.90 -7.27 11.76
C LEU D 10 -52.47 -8.54 12.49
N VAL D 11 -51.95 -8.39 13.70
CA VAL D 11 -51.47 -9.50 14.50
C VAL D 11 -52.10 -9.43 15.89
N GLN D 12 -52.16 -10.58 16.55
CA GLN D 12 -52.69 -10.65 17.90
C GLN D 12 -51.66 -10.17 18.91
N PRO D 13 -52.10 -9.61 20.03
CA PRO D 13 -51.14 -9.20 21.07
C PRO D 13 -50.35 -10.39 21.59
N GLY D 14 -49.07 -10.16 21.85
CA GLY D 14 -48.18 -11.21 22.28
C GLY D 14 -47.67 -12.12 21.18
N GLY D 15 -48.02 -11.83 19.93
CA GLY D 15 -47.63 -12.65 18.81
C GLY D 15 -46.25 -12.27 18.27
N SER D 16 -45.92 -12.88 17.13
CA SER D 16 -44.64 -12.65 16.48
C SER D 16 -44.87 -12.39 15.00
N ARG D 17 -44.04 -11.51 14.44
CA ARG D 17 -44.13 -11.16 13.04
C ARG D 17 -42.74 -10.85 12.50
N LYS D 18 -42.52 -11.18 11.23
CA LYS D 18 -41.24 -11.01 10.56
C LYS D 18 -41.40 -10.02 9.42
N LEU D 19 -40.70 -8.90 9.51
CA LEU D 19 -40.72 -7.87 8.48
C LEU D 19 -39.50 -8.01 7.58
N SER D 20 -39.72 -7.85 6.28
CA SER D 20 -38.65 -7.96 5.29
C SER D 20 -38.52 -6.66 4.52
N CYS D 21 -37.29 -6.32 4.16
CA CYS D 21 -37.00 -5.14 3.35
C CYS D 21 -36.07 -5.56 2.22
N SER D 22 -36.62 -5.65 1.01
CA SER D 22 -35.84 -6.04 -0.16
C SER D 22 -35.27 -4.80 -0.84
N ALA D 23 -33.96 -4.83 -1.11
CA ALA D 23 -33.27 -3.69 -1.69
C ALA D 23 -32.85 -4.01 -3.12
N SER D 24 -33.07 -3.05 -4.01
CA SER D 24 -32.65 -3.17 -5.40
C SER D 24 -32.13 -1.83 -5.89
N GLY D 25 -31.18 -1.87 -6.82
CA GLY D 25 -30.67 -0.67 -7.45
C GLY D 25 -29.54 0.02 -6.72
N PHE D 26 -29.01 -0.56 -5.66
CA PHE D 26 -27.85 0.01 -4.99
C PHE D 26 -27.10 -1.08 -4.25
N ALA D 27 -25.85 -0.77 -3.88
CA ALA D 27 -25.00 -1.72 -3.19
C ALA D 27 -25.47 -1.92 -1.75
N PHE D 28 -26.32 -2.92 -1.53
CA PHE D 28 -26.97 -3.08 -0.23
C PHE D 28 -25.95 -3.36 0.88
N SER D 29 -24.94 -4.18 0.60
CA SER D 29 -23.98 -4.56 1.63
C SER D 29 -23.13 -3.39 2.09
N SER D 30 -23.08 -2.30 1.34
CA SER D 30 -22.28 -1.14 1.72
C SER D 30 -23.00 -0.18 2.65
N PHE D 31 -24.30 -0.33 2.84
CA PHE D 31 -25.10 0.60 3.61
C PHE D 31 -25.49 -0.01 4.95
N GLY D 32 -25.37 0.78 6.00
CA GLY D 32 -26.05 0.46 7.24
C GLY D 32 -27.54 0.67 7.09
N MET D 33 -28.32 -0.07 7.88
CA MET D 33 -29.77 -0.06 7.74
C MET D 33 -30.42 0.24 9.09
N HIS D 34 -31.48 1.05 9.04
CA HIS D 34 -32.27 1.38 10.20
C HIS D 34 -33.72 0.95 9.97
N TRP D 35 -34.40 0.60 11.06
CA TRP D 35 -35.85 0.52 11.08
C TRP D 35 -36.40 1.71 11.85
N VAL D 36 -37.30 2.46 11.24
CA VAL D 36 -37.97 3.59 11.87
C VAL D 36 -39.46 3.38 11.74
N ARG D 37 -40.18 3.52 12.85
CA ARG D 37 -41.62 3.37 12.85
C ARG D 37 -42.30 4.69 13.15
N GLN D 38 -43.56 4.78 12.77
CA GLN D 38 -44.37 5.99 12.97
C GLN D 38 -45.76 5.56 13.39
N ALA D 39 -46.12 5.83 14.64
CA ALA D 39 -47.45 5.51 15.12
C ALA D 39 -48.47 6.39 14.39
N PRO D 40 -49.68 5.88 14.19
CA PRO D 40 -50.71 6.68 13.49
C PRO D 40 -50.95 8.01 14.19
N GLU D 41 -50.95 9.08 13.40
CA GLU D 41 -51.10 10.44 13.90
C GLU D 41 -50.06 10.78 14.97
N LYS D 42 -48.83 10.29 14.77
CA LYS D 42 -47.72 10.55 15.67
C LYS D 42 -46.46 10.78 14.85
N GLY D 43 -45.36 11.08 15.54
CA GLY D 43 -44.09 11.36 14.91
C GLY D 43 -43.27 10.10 14.68
N LEU D 44 -42.05 10.32 14.19
CA LEU D 44 -41.15 9.22 13.87
C LEU D 44 -40.45 8.71 15.12
N GLU D 45 -40.18 7.40 15.15
CA GLU D 45 -39.50 6.78 16.27
C GLU D 45 -38.52 5.73 15.75
N TRP D 46 -37.25 5.90 16.09
CA TRP D 46 -36.23 4.97 15.63
C TRP D 46 -36.34 3.65 16.40
N VAL D 47 -36.19 2.53 15.68
CA VAL D 47 -36.38 1.20 16.23
C VAL D 47 -35.06 0.47 16.42
N ALA D 48 -34.29 0.31 15.34
CA ALA D 48 -33.09 -0.52 15.39
C ALA D 48 -32.13 -0.05 14.30
N TYR D 49 -30.89 -0.53 14.42
CA TYR D 49 -29.85 -0.23 13.45
C TYR D 49 -28.94 -1.43 13.32
N ILE D 50 -28.61 -1.80 12.07
CA ILE D 50 -27.58 -2.79 11.79
C ILE D 50 -26.59 -2.18 10.81
N SER D 51 -25.29 -2.29 11.12
CA SER D 51 -24.27 -1.66 10.32
C SER D 51 -23.97 -2.51 9.08
N SER D 52 -23.24 -1.90 8.14
CA SER D 52 -22.69 -2.67 7.03
C SER D 52 -21.71 -3.70 7.56
N GLY D 53 -21.86 -4.94 7.10
CA GLY D 53 -21.08 -6.04 7.62
C GLY D 53 -21.63 -6.67 8.88
N SER D 54 -22.77 -6.20 9.38
CA SER D 54 -23.48 -6.82 10.49
C SER D 54 -22.68 -6.83 11.78
N GLY D 55 -21.63 -6.02 11.87
CA GLY D 55 -20.78 -6.04 13.05
C GLY D 55 -21.36 -5.29 14.23
N THR D 56 -22.16 -4.25 13.98
CA THR D 56 -22.71 -3.40 15.02
C THR D 56 -24.22 -3.41 14.92
N ILE D 57 -24.89 -3.62 16.06
CA ILE D 57 -26.35 -3.65 16.13
C ILE D 57 -26.79 -2.83 17.33
N TYR D 58 -27.76 -1.94 17.11
CA TYR D 58 -28.33 -1.12 18.16
C TYR D 58 -29.84 -1.25 18.17
N TYR D 59 -30.43 -1.13 19.35
CA TYR D 59 -31.87 -1.19 19.51
C TYR D 59 -32.34 -0.04 20.38
N ALA D 60 -33.58 0.39 20.16
CA ALA D 60 -34.23 1.30 21.08
C ALA D 60 -34.64 0.55 22.35
N ASP D 61 -34.68 1.28 23.47
CA ASP D 61 -34.98 0.64 24.74
C ASP D 61 -36.38 0.04 24.76
N THR D 62 -37.33 0.69 24.08
CA THR D 62 -38.71 0.20 24.10
C THR D 62 -38.88 -1.11 23.34
N VAL D 63 -37.91 -1.50 22.52
CA VAL D 63 -37.99 -2.73 21.75
C VAL D 63 -36.84 -3.69 22.03
N LYS D 64 -35.84 -3.30 22.81
CA LYS D 64 -34.69 -4.15 23.05
C LYS D 64 -35.09 -5.41 23.80
N GLY D 65 -34.60 -6.55 23.31
CA GLY D 65 -34.97 -7.84 23.86
C GLY D 65 -36.14 -8.52 23.18
N ARG D 66 -37.00 -7.75 22.51
CA ARG D 66 -38.14 -8.31 21.79
C ARG D 66 -37.96 -8.30 20.28
N PHE D 67 -37.25 -7.32 19.74
CA PHE D 67 -37.03 -7.22 18.30
C PHE D 67 -35.63 -7.69 17.97
N THR D 68 -35.49 -8.37 16.83
CA THR D 68 -34.18 -8.77 16.32
C THR D 68 -34.05 -8.31 14.86
N ILE D 69 -32.98 -7.58 14.57
CA ILE D 69 -32.71 -7.05 13.24
C ILE D 69 -31.57 -7.83 12.62
N SER D 70 -31.74 -8.22 11.36
CA SER D 70 -30.74 -9.00 10.65
C SER D 70 -30.81 -8.66 9.17
N ARG D 71 -29.76 -9.02 8.44
CA ARG D 71 -29.69 -8.74 7.01
C ARG D 71 -29.16 -9.96 6.28
N ASP D 72 -29.53 -10.07 5.01
CA ASP D 72 -29.04 -11.11 4.11
C ASP D 72 -28.40 -10.40 2.92
N ASP D 73 -27.08 -10.19 2.99
CA ASP D 73 -26.39 -9.44 1.95
C ASP D 73 -26.49 -10.08 0.57
N PRO D 74 -26.29 -11.40 0.40
CA PRO D 74 -26.46 -11.98 -0.95
C PRO D 74 -27.85 -11.78 -1.52
N LYS D 75 -28.89 -11.82 -0.69
CA LYS D 75 -30.25 -11.62 -1.15
C LYS D 75 -30.70 -10.17 -1.10
N ASN D 76 -29.87 -9.27 -0.56
CA ASN D 76 -30.19 -7.86 -0.42
C ASN D 76 -31.50 -7.65 0.34
N THR D 77 -31.66 -8.38 1.44
CA THR D 77 -32.88 -8.33 2.25
C THR D 77 -32.53 -7.92 3.67
N LEU D 78 -33.31 -7.00 4.22
CA LEU D 78 -33.21 -6.59 5.61
C LEU D 78 -34.40 -7.15 6.38
N PHE D 79 -34.13 -7.69 7.57
CA PHE D 79 -35.14 -8.37 8.35
C PHE D 79 -35.34 -7.67 9.70
N LEU D 80 -36.55 -7.81 10.23
CA LEU D 80 -36.87 -7.37 11.59
C LEU D 80 -37.77 -8.43 12.20
N GLN D 81 -37.20 -9.27 13.07
CA GLN D 81 -37.96 -10.28 13.78
C GLN D 81 -38.52 -9.68 15.07
N MET D 82 -39.84 -9.70 15.19
CA MET D 82 -40.53 -9.11 16.34
C MET D 82 -41.21 -10.20 17.15
N THR D 83 -41.15 -10.06 18.47
CA THR D 83 -41.77 -11.01 19.38
C THR D 83 -42.46 -10.23 20.51
N SER D 84 -43.47 -10.88 21.10
CA SER D 84 -44.23 -10.31 22.22
C SER D 84 -44.82 -8.94 21.85
N LEU D 85 -45.43 -8.88 20.66
CA LEU D 85 -45.92 -7.62 20.14
C LEU D 85 -47.02 -7.04 21.02
N ARG D 86 -46.91 -5.75 21.32
CA ARG D 86 -47.86 -5.03 22.16
C ARG D 86 -48.65 -4.04 21.32
N SER D 87 -49.70 -3.49 21.91
CA SER D 87 -50.48 -2.46 21.22
C SER D 87 -49.65 -1.20 20.98
N GLU D 88 -48.56 -1.01 21.72
CA GLU D 88 -47.67 0.13 21.51
C GLU D 88 -46.84 -0.01 20.24
N ASP D 89 -46.82 -1.20 19.62
CA ASP D 89 -46.03 -1.43 18.42
C ASP D 89 -46.80 -1.18 17.14
N THR D 90 -48.06 -0.77 17.22
CA THR D 90 -48.86 -0.50 16.03
C THR D 90 -48.33 0.75 15.34
N ALA D 91 -47.67 0.58 14.20
CA ALA D 91 -47.07 1.70 13.49
C ALA D 91 -46.75 1.27 12.06
N MET D 92 -46.40 2.25 11.24
CA MET D 92 -45.83 2.01 9.92
C MET D 92 -44.31 1.95 10.06
N TYR D 93 -43.71 0.83 9.64
CA TYR D 93 -42.29 0.58 9.81
C TYR D 93 -41.57 0.87 8.50
N TYR D 94 -40.59 1.78 8.55
CA TYR D 94 -39.86 2.22 7.38
C TYR D 94 -38.47 1.60 7.37
N CYS D 95 -38.03 1.21 6.18
CA CYS D 95 -36.67 0.72 5.96
C CYS D 95 -35.83 1.87 5.43
N VAL D 96 -34.76 2.20 6.15
CA VAL D 96 -33.94 3.36 5.84
C VAL D 96 -32.50 2.92 5.65
N ARG D 97 -31.90 3.33 4.53
CA ARG D 97 -30.48 3.09 4.28
C ARG D 97 -29.66 4.27 4.77
N SER D 98 -28.44 3.98 5.23
CA SER D 98 -27.54 5.03 5.71
C SER D 98 -26.11 4.54 5.57
N ILE D 99 -25.29 5.30 4.85
CA ILE D 99 -23.88 5.00 4.68
C ILE D 99 -23.07 6.05 5.41
N TYR D 100 -21.96 5.63 6.02
CA TYR D 100 -21.18 6.51 6.89
C TYR D 100 -19.73 6.54 6.44
N TYR D 101 -19.34 7.66 5.85
CA TYR D 101 -17.94 8.00 5.64
C TYR D 101 -17.85 9.52 5.61
N TYR D 102 -16.63 10.03 5.55
CA TYR D 102 -16.46 11.48 5.55
C TYR D 102 -17.19 12.11 4.37
N GLY D 103 -18.15 12.99 4.68
CA GLY D 103 -18.95 13.66 3.67
C GLY D 103 -20.15 12.90 3.18
N SER D 104 -20.46 11.73 3.74
CA SER D 104 -21.62 10.98 3.31
C SER D 104 -22.90 11.65 3.81
N SER D 105 -24.04 11.20 3.28
CA SER D 105 -25.36 11.69 3.65
C SER D 105 -26.19 10.53 4.18
N PRO D 106 -26.12 10.24 5.48
CA PRO D 106 -26.94 9.17 6.05
C PRO D 106 -28.42 9.51 5.98
N PHE D 107 -29.24 8.45 6.02
CA PHE D 107 -30.70 8.57 6.02
C PHE D 107 -31.22 9.21 4.74
N ASP D 108 -30.51 9.04 3.64
CA ASP D 108 -30.87 9.71 2.40
C ASP D 108 -32.07 9.08 1.70
N PHE D 109 -32.23 7.75 1.80
CA PHE D 109 -33.33 7.06 1.14
C PHE D 109 -34.14 6.24 2.13
N TRP D 110 -35.46 6.39 2.06
CA TRP D 110 -36.39 5.63 2.89
C TRP D 110 -37.26 4.75 2.02
N GLY D 111 -37.70 3.62 2.57
CA GLY D 111 -38.66 2.78 1.89
C GLY D 111 -40.08 3.27 2.04
N GLN D 112 -40.99 2.63 1.30
CA GLN D 112 -42.39 3.02 1.36
C GLN D 112 -43.05 2.62 2.66
N GLY D 113 -42.54 1.59 3.32
CA GLY D 113 -43.01 1.22 4.64
C GLY D 113 -44.06 0.12 4.58
N THR D 114 -44.17 -0.63 5.68
CA THR D 114 -45.20 -1.64 5.85
C THR D 114 -45.91 -1.40 7.18
N THR D 115 -47.22 -1.58 7.19
CA THR D 115 -48.04 -1.23 8.34
C THR D 115 -48.29 -2.47 9.20
N LEU D 116 -48.00 -2.36 10.49
CA LEU D 116 -48.26 -3.41 11.47
C LEU D 116 -49.30 -2.92 12.45
N THR D 117 -50.36 -3.69 12.64
CA THR D 117 -51.42 -3.37 13.59
C THR D 117 -51.55 -4.49 14.60
N VAL D 118 -51.54 -4.13 15.88
CA VAL D 118 -51.66 -5.08 16.98
C VAL D 118 -53.02 -4.86 17.65
N SER D 119 -53.77 -5.94 17.84
CA SER D 119 -55.11 -5.86 18.41
C SER D 119 -55.08 -5.47 19.88
N ASP D 137 -30.98 9.85 26.80
CA ASP D 137 -31.70 10.14 25.56
C ASP D 137 -31.83 11.64 25.33
N ILE D 138 -31.29 12.12 24.21
CA ILE D 138 -31.43 13.52 23.86
C ILE D 138 -32.87 13.80 23.46
N VAL D 139 -33.45 14.85 24.03
CA VAL D 139 -34.83 15.26 23.76
C VAL D 139 -34.82 16.34 22.68
N MET D 140 -35.47 16.06 21.56
CA MET D 140 -35.59 17.02 20.48
C MET D 140 -36.99 17.63 20.52
N THR D 141 -37.06 18.96 20.59
CA THR D 141 -38.31 19.67 20.82
C THR D 141 -38.67 20.51 19.61
N GLN D 142 -39.89 20.32 19.10
CA GLN D 142 -40.49 21.17 18.08
C GLN D 142 -41.82 21.65 18.66
N ALA D 143 -41.77 22.75 19.41
CA ALA D 143 -42.96 23.20 20.13
C ALA D 143 -44.09 23.59 19.18
N THR D 144 -43.77 24.26 18.08
CA THR D 144 -44.77 24.66 17.11
C THR D 144 -45.25 23.43 16.35
N SER D 145 -46.45 22.96 16.66
CA SER D 145 -46.97 21.76 15.99
C SER D 145 -47.38 22.05 14.55
N SER D 146 -48.01 23.19 14.31
CA SER D 146 -48.50 23.52 12.98
C SER D 146 -48.18 24.98 12.67
N VAL D 147 -48.00 25.27 11.38
CA VAL D 147 -47.69 26.62 10.91
C VAL D 147 -48.53 26.92 9.67
N PRO D 148 -49.42 27.91 9.71
CA PRO D 148 -50.14 28.30 8.49
C PRO D 148 -49.24 29.07 7.55
N VAL D 149 -49.18 28.62 6.30
CA VAL D 149 -48.26 29.18 5.31
C VAL D 149 -49.02 29.50 4.03
N THR D 150 -48.42 30.37 3.23
CA THR D 150 -48.93 30.73 1.91
C THR D 150 -47.82 30.58 0.88
N PRO D 151 -48.16 30.19 -0.35
CA PRO D 151 -47.13 29.96 -1.37
C PRO D 151 -46.33 31.23 -1.65
N GLY D 152 -45.04 31.05 -1.90
CA GLY D 152 -44.15 32.16 -2.21
C GLY D 152 -43.62 32.92 -1.03
N GLU D 153 -43.97 32.54 0.20
CA GLU D 153 -43.54 33.24 1.39
C GLU D 153 -42.52 32.40 2.15
N SER D 154 -41.59 33.08 2.82
CA SER D 154 -40.53 32.40 3.53
C SER D 154 -41.03 31.89 4.88
N VAL D 155 -40.66 30.65 5.20
CA VAL D 155 -41.08 30.00 6.44
C VAL D 155 -39.85 29.50 7.17
N SER D 156 -39.85 29.64 8.50
CA SER D 156 -38.79 29.13 9.35
C SER D 156 -39.37 28.16 10.36
N ILE D 157 -38.68 27.03 10.54
CA ILE D 157 -39.07 26.00 11.50
C ILE D 157 -37.94 25.84 12.51
N SER D 158 -38.29 25.80 13.79
CA SER D 158 -37.31 25.77 14.86
C SER D 158 -37.28 24.40 15.52
N CYS D 159 -36.08 23.99 15.94
CA CYS D 159 -35.87 22.75 16.67
C CYS D 159 -34.92 23.02 17.81
N ARG D 160 -35.12 22.31 18.92
CA ARG D 160 -34.28 22.45 20.10
C ARG D 160 -33.87 21.08 20.60
N SER D 161 -32.72 21.03 21.26
CA SER D 161 -32.19 19.78 21.83
C SER D 161 -31.80 20.01 23.28
N SER D 162 -32.00 18.99 24.10
CA SER D 162 -31.61 19.07 25.51
C SER D 162 -30.09 19.12 25.65
N LYS D 163 -29.36 18.46 24.77
CA LYS D 163 -27.91 18.47 24.78
C LYS D 163 -27.40 19.18 23.52
N SER D 164 -26.17 19.68 23.61
CA SER D 164 -25.52 20.29 22.45
C SER D 164 -25.20 19.21 21.42
N LEU D 165 -25.68 19.40 20.20
CA LEU D 165 -25.41 18.48 19.10
C LEU D 165 -24.09 18.76 18.39
N LEU D 166 -23.38 19.81 18.80
CA LEU D 166 -22.07 20.11 18.22
C LEU D 166 -21.02 19.21 18.88
N HIS D 167 -20.36 18.39 18.07
CA HIS D 167 -19.31 17.51 18.55
C HIS D 167 -17.97 18.22 18.52
N SER D 168 -17.00 17.64 19.22
CA SER D 168 -15.67 18.23 19.28
C SER D 168 -14.93 18.18 17.95
N ASN D 169 -15.43 17.43 16.98
CA ASN D 169 -14.82 17.38 15.66
C ASN D 169 -15.36 18.43 14.71
N GLY D 170 -16.28 19.28 15.17
CA GLY D 170 -16.83 20.35 14.36
C GLY D 170 -18.16 20.05 13.72
N ASN D 171 -18.57 18.79 13.68
CA ASN D 171 -19.87 18.43 13.14
C ASN D 171 -20.99 18.71 14.13
N THR D 172 -22.14 19.14 13.61
CA THR D 172 -23.37 19.25 14.40
C THR D 172 -24.37 18.24 13.83
N TYR D 173 -24.57 17.14 14.55
CA TYR D 173 -25.31 15.99 14.02
C TYR D 173 -26.82 16.22 14.17
N LEU D 174 -27.33 17.14 13.35
CA LEU D 174 -28.75 17.44 13.27
C LEU D 174 -29.24 17.20 11.86
N TYR D 175 -30.37 16.52 11.72
CA TYR D 175 -30.93 16.17 10.43
C TYR D 175 -32.34 16.73 10.31
N TRP D 176 -32.73 17.07 9.08
CA TRP D 176 -34.08 17.54 8.78
C TRP D 176 -34.70 16.61 7.75
N PHE D 177 -35.95 16.21 8.00
CA PHE D 177 -36.69 15.33 7.11
C PHE D 177 -38.02 15.98 6.76
N LEU D 178 -38.53 15.65 5.58
CA LEU D 178 -39.84 16.09 5.13
C LEU D 178 -40.66 14.87 4.75
N GLN D 179 -41.84 14.74 5.36
CA GLN D 179 -42.78 13.67 5.05
C GLN D 179 -44.03 14.30 4.46
N ARG D 180 -44.11 14.31 3.13
CA ARG D 180 -45.31 14.79 2.47
C ARG D 180 -46.47 13.83 2.71
N PRO D 181 -47.71 14.33 2.69
CA PRO D 181 -48.86 13.46 2.98
C PRO D 181 -48.94 12.29 2.02
N GLY D 182 -48.95 11.08 2.57
CA GLY D 182 -49.00 9.87 1.79
C GLY D 182 -47.65 9.34 1.34
N GLN D 183 -46.56 10.05 1.63
CA GLN D 183 -45.23 9.69 1.16
C GLN D 183 -44.33 9.37 2.34
N SER D 184 -43.24 8.67 2.05
CA SER D 184 -42.21 8.39 3.03
C SER D 184 -41.38 9.63 3.29
N PRO D 185 -40.74 9.71 4.46
CA PRO D 185 -39.88 10.87 4.73
C PRO D 185 -38.73 10.96 3.75
N GLN D 186 -38.31 12.18 3.47
CA GLN D 186 -37.16 12.44 2.60
C GLN D 186 -36.18 13.35 3.32
N LEU D 187 -34.89 13.11 3.12
CA LEU D 187 -33.86 13.92 3.76
C LEU D 187 -33.77 15.28 3.08
N LEU D 188 -33.78 16.35 3.89
CA LEU D 188 -33.55 17.70 3.40
C LEU D 188 -32.17 18.22 3.78
N ILE D 189 -31.85 18.23 5.07
CA ILE D 189 -30.61 18.79 5.58
C ILE D 189 -29.95 17.74 6.46
N TYR D 190 -28.67 17.45 6.20
CA TYR D 190 -27.91 16.52 7.01
C TYR D 190 -26.72 17.23 7.64
N ARG D 191 -26.48 16.94 8.92
CA ARG D 191 -25.47 17.62 9.74
C ARG D 191 -25.68 19.14 9.74
N MET D 192 -26.95 19.54 9.83
CA MET D 192 -27.40 20.86 10.24
C MET D 192 -27.20 21.95 9.19
N SER D 193 -26.36 21.70 8.19
CA SER D 193 -26.14 22.70 7.16
C SER D 193 -26.14 22.17 5.74
N ASN D 194 -25.77 20.91 5.52
CA ASN D 194 -25.60 20.39 4.18
C ASN D 194 -26.95 20.07 3.54
N LEU D 195 -27.05 20.35 2.24
CA LEU D 195 -28.29 20.15 1.49
C LEU D 195 -28.23 18.79 0.81
N ALA D 196 -29.28 17.99 1.00
CA ALA D 196 -29.30 16.64 0.45
C ALA D 196 -29.44 16.68 -1.07
N SER D 197 -28.95 15.62 -1.71
CA SER D 197 -29.00 15.52 -3.16
C SER D 197 -30.45 15.46 -3.65
N GLY D 198 -30.76 16.24 -4.67
CA GLY D 198 -32.10 16.32 -5.20
C GLY D 198 -33.03 17.27 -4.49
N VAL D 199 -32.53 18.07 -3.57
CA VAL D 199 -33.34 18.99 -2.78
C VAL D 199 -33.10 20.40 -3.33
N PRO D 200 -34.15 21.19 -3.58
CA PRO D 200 -33.94 22.54 -4.12
C PRO D 200 -33.14 23.41 -3.15
N ASP D 201 -32.40 24.35 -3.73
CA ASP D 201 -31.52 25.21 -2.94
C ASP D 201 -32.29 26.17 -2.04
N ARG D 202 -33.61 26.31 -2.22
CA ARG D 202 -34.38 27.21 -1.38
C ARG D 202 -34.38 26.77 0.07
N PHE D 203 -34.28 25.47 0.33
CA PHE D 203 -34.12 24.99 1.69
C PHE D 203 -32.73 25.31 2.21
N SER D 204 -32.65 25.84 3.43
CA SER D 204 -31.39 26.15 4.07
C SER D 204 -31.49 25.83 5.56
N GLY D 205 -30.45 25.20 6.09
CA GLY D 205 -30.40 24.84 7.49
C GLY D 205 -29.38 25.69 8.23
N SER D 206 -29.84 26.32 9.31
CA SER D 206 -29.00 27.17 10.15
C SER D 206 -29.21 26.78 11.60
N GLY D 207 -28.13 26.77 12.37
CA GLY D 207 -28.24 26.43 13.77
C GLY D 207 -26.98 26.79 14.52
N SER D 208 -27.07 26.66 15.84
CA SER D 208 -25.91 26.82 16.72
C SER D 208 -26.22 26.14 18.04
N GLY D 209 -25.29 25.32 18.52
CA GLY D 209 -25.43 24.69 19.81
C GLY D 209 -26.66 23.81 19.93
N THR D 210 -27.68 24.31 20.63
CA THR D 210 -28.91 23.55 20.86
C THR D 210 -30.10 24.08 20.08
N ALA D 211 -29.97 25.22 19.41
CA ALA D 211 -31.09 25.85 18.70
C ALA D 211 -30.82 25.81 17.21
N PHE D 212 -31.79 25.32 16.44
CA PHE D 212 -31.64 25.15 15.00
C PHE D 212 -32.87 25.66 14.28
N THR D 213 -32.66 26.18 13.07
CA THR D 213 -33.73 26.74 12.27
C THR D 213 -33.63 26.20 10.85
N LEU D 214 -34.76 25.78 10.29
CA LEU D 214 -34.87 25.37 8.90
C LEU D 214 -35.65 26.44 8.16
N THR D 215 -35.00 27.12 7.23
CA THR D 215 -35.62 28.21 6.48
C THR D 215 -36.01 27.73 5.09
N ILE D 216 -37.26 28.00 4.70
CA ILE D 216 -37.80 27.58 3.42
C ILE D 216 -38.18 28.86 2.67
N SER D 217 -37.30 29.30 1.78
CA SER D 217 -37.58 30.50 0.98
C SER D 217 -38.44 30.14 -0.21
N ARG D 218 -39.42 31.01 -0.51
CA ARG D 218 -40.31 30.85 -1.65
C ARG D 218 -41.03 29.50 -1.59
N LEU D 219 -41.84 29.33 -0.55
CA LEU D 219 -42.54 28.08 -0.32
C LEU D 219 -43.44 27.74 -1.51
N GLU D 220 -43.52 26.45 -1.82
CA GLU D 220 -44.31 25.93 -2.91
C GLU D 220 -45.30 24.87 -2.40
N ALA D 221 -46.14 24.39 -3.29
CA ALA D 221 -47.15 23.41 -2.91
C ALA D 221 -46.51 22.10 -2.45
N GLU D 222 -45.42 21.69 -3.10
CA GLU D 222 -44.78 20.43 -2.76
C GLU D 222 -44.19 20.47 -1.35
N ASP D 223 -43.76 21.64 -0.88
CA ASP D 223 -43.13 21.75 0.43
C ASP D 223 -44.11 21.50 1.58
N VAL D 224 -45.42 21.50 1.30
CA VAL D 224 -46.40 21.23 2.35
C VAL D 224 -46.20 19.83 2.90
N GLY D 225 -46.12 19.74 4.23
CA GLY D 225 -45.93 18.45 4.88
C GLY D 225 -45.46 18.65 6.31
N VAL D 226 -45.06 17.54 6.92
CA VAL D 226 -44.53 17.52 8.27
C VAL D 226 -43.02 17.51 8.21
N TYR D 227 -42.38 18.33 9.05
CA TYR D 227 -40.93 18.44 9.10
C TYR D 227 -40.43 17.89 10.43
N TYR D 228 -39.47 16.98 10.37
CA TYR D 228 -38.89 16.36 11.55
C TYR D 228 -37.41 16.71 11.66
N CYS D 229 -36.97 17.04 12.86
CA CYS D 229 -35.55 17.19 13.16
C CYS D 229 -35.07 16.00 13.97
N MET D 230 -33.98 15.38 13.51
CA MET D 230 -33.42 14.20 14.14
C MET D 230 -31.97 14.49 14.53
N GLN D 231 -31.56 13.95 15.67
CA GLN D 231 -30.18 14.02 16.11
C GLN D 231 -29.48 12.69 15.84
N HIS D 232 -28.23 12.76 15.39
CA HIS D 232 -27.41 11.58 15.18
C HIS D 232 -26.12 11.67 15.99
N LEU D 233 -26.15 12.44 17.08
CA LEU D 233 -24.97 12.56 17.93
C LEU D 233 -24.64 11.24 18.62
N GLU D 234 -25.67 10.52 19.07
CA GLU D 234 -25.47 9.27 19.78
C GLU D 234 -26.75 8.45 19.70
N TYR D 235 -26.62 7.17 20.00
CA TYR D 235 -27.77 6.29 20.05
C TYR D 235 -28.39 6.27 21.45
N PRO D 236 -29.71 6.19 21.56
CA PRO D 236 -30.70 6.03 20.48
C PRO D 236 -31.00 7.32 19.71
N LEU D 237 -31.15 7.22 18.40
CA LEU D 237 -31.51 8.38 17.60
C LEU D 237 -32.94 8.81 17.92
N THR D 238 -33.12 10.10 18.21
CA THR D 238 -34.42 10.62 18.59
C THR D 238 -34.88 11.70 17.63
N PHE D 239 -36.18 11.73 17.38
CA PHE D 239 -36.83 12.67 16.48
C PHE D 239 -37.59 13.71 17.28
N GLY D 240 -37.76 14.89 16.68
CA GLY D 240 -38.68 15.86 17.23
C GLY D 240 -40.12 15.48 16.97
N ALA D 241 -41.03 16.20 17.64
CA ALA D 241 -42.45 15.94 17.47
C ALA D 241 -42.88 16.14 16.03
N GLY D 242 -42.35 17.17 15.38
CA GLY D 242 -42.66 17.49 13.99
C GLY D 242 -43.48 18.75 13.89
N THR D 243 -43.18 19.56 12.88
CA THR D 243 -43.91 20.79 12.61
C THR D 243 -44.61 20.65 11.26
N LYS D 244 -45.92 20.81 11.25
CA LYS D 244 -46.70 20.65 10.04
C LYS D 244 -46.92 22.00 9.37
N LEU D 245 -46.75 22.02 8.05
CA LEU D 245 -47.04 23.21 7.24
C LEU D 245 -48.34 22.99 6.50
N GLU D 246 -49.26 23.94 6.63
CA GLU D 246 -50.56 23.86 5.98
C GLU D 246 -50.86 25.18 5.28
N LEU D 247 -51.63 25.09 4.19
CA LEU D 247 -51.99 26.27 3.42
C LEU D 247 -53.26 26.92 3.98
N THR E 87 36.80 -17.63 42.46
CA THR E 87 35.45 -17.20 42.80
C THR E 87 35.00 -16.06 41.89
N ALA E 88 35.86 -15.04 41.76
CA ALA E 88 35.55 -13.92 40.88
C ALA E 88 35.47 -14.32 39.41
N VAL E 89 36.11 -15.43 39.03
CA VAL E 89 36.01 -15.91 37.66
C VAL E 89 34.58 -16.33 37.35
N LEU E 90 33.93 -17.03 38.28
CA LEU E 90 32.55 -17.46 38.08
C LEU E 90 31.61 -16.27 37.96
N ALA E 91 31.82 -15.24 38.79
CA ALA E 91 30.97 -14.05 38.73
C ALA E 91 31.11 -13.34 37.39
N ALA E 92 32.33 -13.27 36.86
CA ALA E 92 32.55 -12.63 35.57
C ALA E 92 31.84 -13.39 34.45
N LEU E 93 31.91 -14.73 34.47
CA LEU E 93 31.29 -15.53 33.43
C LEU E 93 29.76 -15.37 33.45
N MET E 94 29.17 -15.40 34.65
CA MET E 94 27.73 -15.22 34.76
C MET E 94 27.32 -13.83 34.30
N ALA E 95 28.10 -12.81 34.66
CA ALA E 95 27.82 -11.46 34.19
C ALA E 95 27.99 -11.36 32.68
N LEU E 96 28.99 -12.04 32.14
CA LEU E 96 29.19 -12.03 30.69
C LEU E 96 28.00 -12.67 29.97
N LEU E 97 27.45 -13.73 30.53
CA LEU E 97 26.27 -14.36 29.95
C LEU E 97 25.08 -13.42 29.95
N ILE E 98 24.91 -12.65 31.02
CA ILE E 98 23.83 -11.66 31.08
C ILE E 98 24.03 -10.60 29.99
N VAL E 99 25.26 -10.10 29.85
CA VAL E 99 25.52 -9.05 28.86
C VAL E 99 25.25 -9.56 27.45
N ALA E 100 25.75 -10.76 27.13
CA ALA E 100 25.56 -11.30 25.79
C ALA E 100 24.09 -11.59 25.50
N THR E 101 23.38 -12.16 26.47
CA THR E 101 21.99 -12.55 26.23
C THR E 101 21.06 -11.34 26.11
N VAL E 102 21.28 -10.31 26.93
CA VAL E 102 20.37 -9.18 26.96
C VAL E 102 20.49 -8.36 25.69
N LEU E 103 21.69 -7.83 25.41
CA LEU E 103 21.85 -6.99 24.23
C LEU E 103 21.82 -7.81 22.94
N GLY E 104 22.20 -9.09 23.01
CA GLY E 104 22.12 -9.94 21.84
C GLY E 104 20.70 -10.11 21.33
N ASN E 105 19.77 -10.36 22.25
CA ASN E 105 18.36 -10.46 21.90
C ASN E 105 17.66 -9.12 21.87
N ALA E 106 18.30 -8.06 22.36
CA ALA E 106 17.72 -6.72 22.24
C ALA E 106 17.89 -6.16 20.84
N LEU E 107 19.00 -6.51 20.16
CA LEU E 107 19.20 -6.04 18.79
C LEU E 107 18.13 -6.59 17.86
N VAL E 108 17.74 -7.85 18.05
CA VAL E 108 16.68 -8.44 17.23
C VAL E 108 15.36 -7.69 17.44
N MET E 109 15.05 -7.38 18.70
CA MET E 109 13.82 -6.64 18.97
C MET E 109 13.92 -5.20 18.49
N LEU E 110 15.09 -4.57 18.64
CA LEU E 110 15.26 -3.21 18.15
C LEU E 110 15.21 -3.15 16.62
N ALA E 111 15.90 -4.08 15.96
CA ALA E 111 15.86 -4.11 14.50
C ALA E 111 14.49 -4.51 13.97
N PHE E 112 13.67 -5.17 14.78
CA PHE E 112 12.30 -5.46 14.36
C PHE E 112 11.47 -4.19 14.27
N VAL E 113 11.60 -3.31 15.26
CA VAL E 113 10.85 -2.05 15.26
C VAL E 113 11.40 -1.12 14.19
N ALA E 114 12.73 -1.07 14.02
CA ALA E 114 13.34 -0.10 13.13
C ALA E 114 12.91 -0.31 11.69
N ASP E 115 12.87 -1.56 11.24
CA ASP E 115 12.50 -1.88 9.87
C ASP E 115 11.03 -2.25 9.80
N SER E 116 10.30 -1.61 8.89
CA SER E 116 8.88 -1.86 8.71
C SER E 116 8.59 -2.99 7.73
N SER E 117 9.61 -3.50 7.04
CA SER E 117 9.41 -4.59 6.10
C SER E 117 9.56 -5.96 6.74
N LEU E 118 10.01 -6.03 8.00
CA LEU E 118 10.14 -7.29 8.71
C LEU E 118 8.82 -7.68 9.37
N ARG E 119 7.81 -7.92 8.52
CA ARG E 119 6.47 -8.23 8.99
C ARG E 119 5.94 -9.54 8.43
N THR E 120 6.83 -10.44 8.02
CA THR E 120 6.43 -11.77 7.59
C THR E 120 6.20 -12.67 8.80
N GLN E 121 5.57 -13.82 8.56
CA GLN E 121 5.33 -14.76 9.65
C GLN E 121 6.65 -15.26 10.24
N ASN E 122 7.64 -15.52 9.39
CA ASN E 122 8.93 -15.98 9.88
C ASN E 122 9.63 -14.90 10.71
N ASN E 123 9.49 -13.64 10.31
CA ASN E 123 10.14 -12.56 11.05
C ASN E 123 9.51 -12.37 12.43
N PHE E 124 8.20 -12.58 12.55
CA PHE E 124 7.56 -12.52 13.86
C PHE E 124 7.99 -13.68 14.74
N PHE E 125 8.21 -14.86 14.16
CA PHE E 125 8.63 -16.01 14.96
C PHE E 125 10.04 -15.82 15.50
N LEU E 126 10.93 -15.21 14.72
CA LEU E 126 12.26 -14.89 15.22
C LEU E 126 12.20 -13.87 16.34
N LEU E 127 11.28 -12.90 16.23
CA LEU E 127 11.08 -11.95 17.33
C LEU E 127 10.59 -12.66 18.59
N ASN E 128 9.65 -13.61 18.44
CA ASN E 128 9.14 -14.34 19.59
C ASN E 128 10.26 -15.10 20.28
N LEU E 129 11.15 -15.73 19.51
CA LEU E 129 12.28 -16.42 20.10
C LEU E 129 13.24 -15.46 20.78
N ALA E 130 13.40 -14.26 20.22
CA ALA E 130 14.30 -13.28 20.81
C ALA E 130 13.74 -12.73 22.12
N ILE E 131 12.42 -12.50 22.17
CA ILE E 131 11.80 -12.01 23.40
C ILE E 131 11.91 -13.05 24.50
N SER E 132 11.67 -14.32 24.17
CA SER E 132 11.76 -15.39 25.17
C SER E 132 13.16 -15.49 25.75
N ASP E 133 14.18 -15.37 24.91
CA ASP E 133 15.56 -15.44 25.39
C ASP E 133 15.99 -14.15 26.07
N PHE E 134 15.45 -13.00 25.65
CA PHE E 134 15.80 -11.74 26.29
C PHE E 134 15.36 -11.71 27.74
N LEU E 135 14.16 -12.19 28.02
CA LEU E 135 13.66 -12.22 29.40
C LEU E 135 14.42 -13.23 30.25
N VAL E 136 15.04 -14.24 29.63
CA VAL E 136 15.88 -15.17 30.39
C VAL E 136 17.10 -14.45 30.95
N GLY E 137 17.77 -13.67 30.10
CA GLY E 137 18.95 -12.95 30.54
C GLY E 137 18.69 -11.71 31.35
N ALA E 138 17.45 -11.21 31.34
CA ALA E 138 17.10 -10.00 32.10
C ALA E 138 16.43 -10.30 33.43
N PHE E 139 15.72 -11.42 33.55
CA PHE E 139 15.02 -11.74 34.78
C PHE E 139 15.52 -13.03 35.43
N CYS E 140 15.55 -14.14 34.70
CA CYS E 140 15.85 -15.42 35.32
C CYS E 140 17.31 -15.50 35.77
N ILE E 141 18.24 -15.18 34.88
CA ILE E 141 19.67 -15.27 35.18
C ILE E 141 20.06 -14.28 36.27
N PRO E 142 19.71 -12.99 36.19
CA PRO E 142 20.12 -12.07 37.27
C PRO E 142 19.60 -12.45 38.64
N LEU E 143 18.37 -12.98 38.71
CA LEU E 143 17.79 -13.35 40.00
C LEU E 143 18.38 -14.64 40.56
N TYR E 144 18.97 -15.47 39.71
CA TYR E 144 19.55 -16.73 40.15
C TYR E 144 21.01 -16.61 40.59
N VAL E 145 21.62 -15.44 40.36
CA VAL E 145 23.02 -15.26 40.77
C VAL E 145 23.20 -15.40 42.28
N PRO E 146 22.37 -14.79 43.14
CA PRO E 146 22.55 -15.02 44.59
C PRO E 146 22.43 -16.47 44.99
N TYR E 147 21.60 -17.25 44.30
CA TYR E 147 21.46 -18.67 44.64
C TYR E 147 22.76 -19.43 44.42
N VAL E 148 23.63 -18.94 43.54
CA VAL E 148 24.90 -19.59 43.29
C VAL E 148 26.00 -19.06 44.20
N LEU E 149 26.15 -17.74 44.26
CA LEU E 149 27.21 -17.14 45.06
C LEU E 149 27.03 -17.43 46.54
N THR E 150 25.80 -17.30 47.05
CA THR E 150 25.53 -17.52 48.46
C THR E 150 25.20 -18.97 48.78
N GLY E 151 24.55 -19.68 47.86
CA GLY E 151 24.15 -21.04 48.09
C GLY E 151 22.76 -21.22 48.66
N ARG E 152 22.10 -20.14 49.05
CA ARG E 152 20.75 -20.21 49.59
C ARG E 152 19.90 -19.10 48.97
N TRP E 153 18.62 -19.40 48.80
CA TRP E 153 17.66 -18.44 48.25
C TRP E 153 17.18 -17.52 49.36
N THR E 154 17.49 -16.23 49.24
CA THR E 154 17.16 -15.25 50.27
C THR E 154 16.08 -14.27 49.82
N PHE E 155 15.37 -14.56 48.74
CA PHE E 155 14.31 -13.70 48.25
C PHE E 155 12.92 -14.12 48.71
N GLY E 156 12.82 -15.16 49.52
CA GLY E 156 11.54 -15.55 50.06
C GLY E 156 10.88 -16.66 49.26
N ARG E 157 10.04 -17.44 49.95
CA ARG E 157 9.34 -18.53 49.29
C ARG E 157 8.33 -18.01 48.27
N GLY E 158 7.65 -16.91 48.59
CA GLY E 158 6.66 -16.37 47.67
C GLY E 158 7.25 -15.94 46.35
N LEU E 159 8.43 -15.30 46.38
CA LEU E 159 9.10 -14.90 45.16
C LEU E 159 9.71 -16.08 44.42
N CYS E 160 10.02 -17.18 45.12
CA CYS E 160 10.58 -18.35 44.47
C CYS E 160 9.60 -18.97 43.48
N LYS E 161 8.31 -19.03 43.85
CA LYS E 161 7.31 -19.59 42.95
C LYS E 161 7.17 -18.75 41.70
N LEU E 162 7.31 -17.42 41.82
CA LEU E 162 7.29 -16.57 40.64
C LEU E 162 8.47 -16.88 39.73
N TRP E 163 9.67 -17.07 40.30
CA TRP E 163 10.85 -17.34 39.49
C TRP E 163 10.74 -18.70 38.81
N LEU E 164 10.24 -19.72 39.52
CA LEU E 164 10.12 -21.04 38.92
C LEU E 164 9.14 -21.04 37.75
N VAL E 165 8.01 -20.36 37.89
CA VAL E 165 7.04 -20.31 36.80
C VAL E 165 7.62 -19.58 35.59
N VAL E 166 8.28 -18.44 35.83
CA VAL E 166 8.85 -17.67 34.74
C VAL E 166 9.98 -18.44 34.07
N ASP E 167 10.87 -19.03 34.86
CA ASP E 167 12.02 -19.73 34.29
C ASP E 167 11.60 -20.90 33.43
N TYR E 168 10.65 -21.71 33.91
CA TYR E 168 10.18 -22.84 33.11
C TYR E 168 9.37 -22.36 31.91
N LEU E 169 8.61 -21.27 32.06
CA LEU E 169 7.85 -20.74 30.94
C LEU E 169 8.75 -20.26 29.83
N LEU E 170 9.80 -19.52 30.17
CA LEU E 170 10.69 -18.95 29.15
C LEU E 170 11.49 -20.04 28.44
N CYS E 171 12.02 -21.00 29.19
CA CYS E 171 12.77 -22.08 28.56
C CYS E 171 11.89 -22.95 27.67
N THR E 172 10.68 -23.26 28.13
CA THR E 172 9.77 -24.06 27.32
C THR E 172 9.34 -23.30 26.06
N SER E 173 9.07 -22.00 26.19
CA SER E 173 8.70 -21.21 25.02
C SER E 173 9.85 -21.10 24.03
N SER E 174 11.09 -21.12 24.51
CA SER E 174 12.24 -21.11 23.61
C SER E 174 12.28 -22.38 22.76
N ALA E 175 11.99 -23.53 23.38
CA ALA E 175 11.98 -24.78 22.63
C ALA E 175 10.80 -24.86 21.68
N PHE E 176 9.66 -24.28 22.05
CA PHE E 176 8.49 -24.31 21.18
C PHE E 176 8.64 -23.35 20.00
N ASN E 177 9.36 -22.23 20.19
CA ASN E 177 9.62 -21.34 19.09
C ASN E 177 10.54 -21.97 18.05
N ILE E 178 11.48 -22.81 18.49
CA ILE E 178 12.37 -23.49 17.56
C ILE E 178 11.58 -24.44 16.66
N VAL E 179 10.60 -25.15 17.24
CA VAL E 179 9.72 -25.98 16.43
C VAL E 179 8.88 -25.13 15.49
N LEU E 180 8.40 -23.98 15.98
CA LEU E 180 7.61 -23.09 15.14
C LEU E 180 8.42 -22.56 13.98
N ILE E 181 9.69 -22.21 14.23
CA ILE E 181 10.55 -21.73 13.16
C ILE E 181 10.85 -22.85 12.17
N SER E 182 11.18 -24.04 12.67
CA SER E 182 11.48 -25.17 11.79
C SER E 182 10.25 -25.59 11.01
N TYR E 183 9.08 -25.57 11.64
CA TYR E 183 7.84 -25.90 10.92
C TYR E 183 7.56 -24.87 9.83
N ASP E 184 7.83 -23.60 10.11
CA ASP E 184 7.65 -22.56 9.11
C ASP E 184 8.54 -22.79 7.91
N ARG E 185 9.80 -23.19 8.14
CA ARG E 185 10.71 -23.50 7.05
C ARG E 185 10.33 -24.80 6.34
N PHE E 186 9.63 -25.70 7.03
CA PHE E 186 9.13 -26.91 6.37
C PHE E 186 8.08 -26.56 5.32
N LEU E 187 7.21 -25.60 5.61
CA LEU E 187 6.16 -25.22 4.69
C LEU E 187 6.68 -24.35 3.55
N SER E 188 7.85 -23.74 3.70
CA SER E 188 8.43 -22.96 2.61
C SER E 188 8.90 -23.84 1.46
N VAL E 189 9.18 -25.11 1.73
CA VAL E 189 9.68 -26.01 0.71
C VAL E 189 8.63 -27.03 0.26
N THR E 190 7.69 -27.39 1.13
CA THR E 190 6.65 -28.36 0.77
C THR E 190 5.43 -27.67 0.19
N ARG E 191 4.81 -26.77 0.95
CA ARG E 191 3.69 -25.97 0.45
C ARG E 191 4.21 -24.59 0.04
N ALA E 192 5.02 -24.59 -1.01
CA ALA E 192 5.77 -23.40 -1.39
C ALA E 192 4.85 -22.31 -1.91
N VAL E 193 3.85 -22.67 -2.70
CA VAL E 193 2.97 -21.66 -3.29
C VAL E 193 2.13 -20.99 -2.22
N SER E 194 1.56 -21.78 -1.31
CA SER E 194 0.76 -21.21 -0.23
C SER E 194 1.63 -20.49 0.80
N TYR E 195 2.89 -20.90 0.95
CA TYR E 195 3.78 -20.22 1.88
C TYR E 195 4.01 -18.78 1.47
N ARG E 196 4.23 -18.54 0.18
CA ARG E 196 4.48 -17.18 -0.30
C ARG E 196 3.23 -16.33 -0.19
N ALA E 197 2.06 -16.92 -0.41
CA ALA E 197 0.81 -16.17 -0.31
C ALA E 197 0.50 -15.80 1.14
N GLN E 198 0.61 -16.76 2.05
CA GLN E 198 0.28 -16.52 3.45
C GLN E 198 1.36 -15.72 4.18
N GLN E 199 2.56 -15.65 3.61
CA GLN E 199 3.61 -14.81 4.19
C GLN E 199 3.18 -13.36 4.22
N GLY E 200 3.47 -12.68 5.32
CA GLY E 200 3.10 -11.30 5.50
C GLY E 200 1.78 -11.06 6.20
N ASP E 201 1.02 -12.12 6.50
CA ASP E 201 -0.23 -12.00 7.24
C ASP E 201 0.09 -11.99 8.72
N THR E 202 0.05 -10.79 9.33
CA THR E 202 0.41 -10.68 10.74
C THR E 202 -0.62 -11.34 11.65
N ARG E 203 -1.88 -11.43 11.19
CA ARG E 203 -2.90 -12.08 12.00
C ARG E 203 -2.58 -13.56 12.21
N ARG E 204 -2.11 -14.24 11.17
CA ARG E 204 -1.70 -15.63 11.31
C ARG E 204 -0.49 -15.75 12.24
N ALA E 205 0.47 -14.84 12.12
CA ALA E 205 1.67 -14.91 12.95
C ALA E 205 1.34 -14.70 14.43
N VAL E 206 0.51 -13.71 14.74
CA VAL E 206 0.20 -13.40 16.13
C VAL E 206 -0.54 -14.56 16.78
N ARG E 207 -1.44 -15.21 16.03
CA ARG E 207 -2.15 -16.37 16.57
C ARG E 207 -1.20 -17.48 16.94
N LYS E 208 -0.20 -17.76 16.10
CA LYS E 208 0.75 -18.82 16.41
C LYS E 208 1.69 -18.43 17.54
N MET E 209 2.07 -17.15 17.61
CA MET E 209 2.93 -16.69 18.69
C MET E 209 2.25 -16.82 20.05
N LEU E 210 0.98 -16.42 20.14
CA LEU E 210 0.25 -16.54 21.40
C LEU E 210 0.05 -18.00 21.79
N LEU E 211 -0.17 -18.87 20.81
CA LEU E 211 -0.34 -20.30 21.10
C LEU E 211 0.94 -20.89 21.70
N VAL E 212 2.10 -20.39 21.30
CA VAL E 212 3.35 -20.90 21.85
C VAL E 212 3.47 -20.56 23.33
N TRP E 213 3.22 -19.30 23.68
CA TRP E 213 3.35 -18.87 25.07
C TRP E 213 2.32 -19.52 25.97
N VAL E 214 1.07 -19.63 25.49
CA VAL E 214 0.01 -20.23 26.30
C VAL E 214 0.31 -21.70 26.57
N LEU E 215 0.71 -22.43 25.53
CA LEU E 215 1.02 -23.85 25.71
C LEU E 215 2.29 -24.05 26.54
N ALA E 216 3.24 -23.12 26.45
CA ALA E 216 4.44 -23.20 27.29
C ALA E 216 4.07 -23.04 28.76
N PHE E 217 3.16 -22.11 29.07
CA PHE E 217 2.76 -21.89 30.45
C PHE E 217 2.03 -23.10 31.02
N LEU E 218 1.15 -23.72 30.24
CA LEU E 218 0.34 -24.81 30.76
C LEU E 218 1.14 -26.08 31.01
N LEU E 219 2.35 -26.18 30.44
CA LEU E 219 3.14 -27.40 30.62
C LEU E 219 3.73 -27.48 32.03
N TYR E 220 4.23 -26.35 32.55
CA TYR E 220 4.87 -26.32 33.85
C TYR E 220 4.27 -25.32 34.83
N GLY E 221 3.53 -24.32 34.35
CA GLY E 221 2.99 -23.30 35.22
C GLY E 221 2.09 -23.82 36.30
N PRO E 222 0.93 -24.38 35.92
CA PRO E 222 0.02 -24.93 36.94
C PRO E 222 0.65 -26.03 37.79
N ALA E 223 1.51 -26.86 37.20
CA ALA E 223 2.12 -27.96 37.95
C ALA E 223 3.01 -27.44 39.06
N ILE E 224 3.77 -26.37 38.79
CA ILE E 224 4.64 -25.81 39.81
C ILE E 224 3.82 -25.20 40.96
N LEU E 225 2.78 -24.43 40.61
CA LEU E 225 2.03 -23.70 41.62
C LEU E 225 1.13 -24.63 42.44
N SER E 226 0.47 -25.58 41.78
CA SER E 226 -0.55 -26.40 42.42
C SER E 226 -0.01 -27.70 43.01
N TRP E 227 1.30 -27.95 42.92
CA TRP E 227 1.84 -29.19 43.47
C TRP E 227 1.81 -29.18 44.99
N GLU E 228 2.21 -28.06 45.60
CA GLU E 228 2.25 -27.97 47.06
C GLU E 228 0.85 -28.03 47.67
N TYR E 229 -0.11 -27.34 47.06
CA TYR E 229 -1.45 -27.25 47.61
C TYR E 229 -2.27 -28.51 47.42
N LEU E 230 -1.81 -29.46 46.60
CA LEU E 230 -2.55 -30.69 46.35
C LEU E 230 -1.86 -31.94 46.87
N SER E 231 -0.54 -31.90 47.08
CA SER E 231 0.20 -33.03 47.62
C SER E 231 0.35 -32.97 49.14
N GLY E 232 -0.20 -31.94 49.78
CA GLY E 232 -0.07 -31.79 51.21
C GLY E 232 0.90 -30.69 51.59
N GLY E 233 2.07 -31.06 52.13
CA GLY E 233 3.10 -30.12 52.49
C GLY E 233 4.11 -29.92 51.38
N SER E 234 5.15 -29.15 51.69
CA SER E 234 6.24 -28.88 50.77
C SER E 234 7.51 -29.53 51.29
N SER E 235 8.17 -30.29 50.44
CA SER E 235 9.39 -31.00 50.81
C SER E 235 10.65 -30.17 50.57
N ILE E 236 10.51 -28.92 50.12
CA ILE E 236 11.65 -28.05 49.84
C ILE E 236 12.18 -27.47 51.14
N PRO E 237 13.45 -27.69 51.47
CA PRO E 237 14.01 -27.07 52.68
C PRO E 237 14.08 -25.55 52.55
N GLU E 238 14.06 -24.89 53.70
CA GLU E 238 14.15 -23.44 53.72
C GLU E 238 15.48 -22.98 53.14
N GLY E 239 15.43 -21.92 52.33
CA GLY E 239 16.60 -21.40 51.66
C GLY E 239 16.90 -21.99 50.30
N HIS E 240 16.14 -23.02 49.89
CA HIS E 240 16.32 -23.63 48.58
C HIS E 240 15.12 -23.31 47.71
N CYS E 241 15.37 -23.08 46.42
CA CYS E 241 14.32 -22.71 45.46
C CYS E 241 14.45 -23.60 44.23
N TYR E 242 13.63 -24.65 44.17
CA TYR E 242 13.51 -25.48 42.99
C TYR E 242 12.10 -26.07 42.94
N ALA E 243 11.79 -26.70 41.82
CA ALA E 243 10.43 -27.19 41.60
C ALA E 243 10.08 -28.30 42.59
N GLU E 244 8.78 -28.40 42.90
CA GLU E 244 8.31 -29.46 43.79
C GLU E 244 8.55 -30.84 43.21
N PHE E 245 8.52 -30.97 41.88
CA PHE E 245 8.75 -32.23 41.20
C PHE E 245 10.22 -32.44 40.86
N PHE E 246 11.14 -31.84 41.62
CA PHE E 246 12.56 -31.91 41.31
C PHE E 246 13.06 -33.35 41.34
N TYR E 247 12.64 -34.12 42.34
CA TYR E 247 13.04 -35.51 42.49
C TYR E 247 11.99 -36.49 41.99
N ASN E 248 10.90 -36.00 41.41
CA ASN E 248 9.88 -36.87 40.86
C ASN E 248 10.40 -37.55 39.60
N TRP E 249 10.02 -38.81 39.41
CA TRP E 249 10.48 -39.61 38.28
C TRP E 249 9.46 -39.69 37.16
N TYR E 250 8.17 -39.87 37.50
CA TYR E 250 7.15 -40.03 36.48
C TYR E 250 6.81 -38.72 35.79
N PHE E 251 6.79 -37.62 36.54
CA PHE E 251 6.38 -36.34 35.96
C PHE E 251 7.46 -35.76 35.05
N LEU E 252 8.73 -35.92 35.43
CA LEU E 252 9.81 -35.33 34.65
C LEU E 252 9.88 -35.93 33.25
N ILE E 253 9.77 -37.25 33.14
CA ILE E 253 9.84 -37.89 31.83
C ILE E 253 8.62 -37.53 31.00
N THR E 254 7.44 -37.44 31.63
CA THR E 254 6.24 -37.06 30.89
C THR E 254 6.32 -35.62 30.40
N ALA E 255 6.77 -34.70 31.26
CA ALA E 255 6.85 -33.30 30.87
C ALA E 255 7.96 -33.07 29.85
N SER E 256 9.11 -33.72 30.04
CA SER E 256 10.22 -33.53 29.11
C SER E 256 9.91 -34.08 27.72
N THR E 257 9.05 -35.10 27.65
CA THR E 257 8.67 -35.65 26.34
C THR E 257 7.96 -34.58 25.51
N LEU E 258 7.07 -33.81 26.13
CA LEU E 258 6.40 -32.71 25.43
C LEU E 258 7.25 -31.44 25.40
N GLU E 259 8.37 -31.40 26.11
CA GLU E 259 9.22 -30.22 26.18
C GLU E 259 10.48 -30.34 25.33
N PHE E 260 11.12 -31.50 25.31
CA PHE E 260 12.33 -31.65 24.52
C PHE E 260 12.29 -32.84 23.56
N PHE E 261 11.74 -33.98 23.99
CA PHE E 261 11.80 -35.18 23.15
C PHE E 261 10.98 -35.01 21.88
N THR E 262 9.72 -34.59 22.00
CA THR E 262 8.92 -34.31 20.82
C THR E 262 9.47 -33.13 20.02
N PRO E 263 9.83 -31.99 20.61
CA PRO E 263 10.43 -30.91 19.81
C PRO E 263 11.70 -31.32 19.08
N PHE E 264 12.56 -32.14 19.70
CA PHE E 264 13.80 -32.52 19.04
C PHE E 264 13.56 -33.40 17.82
N LEU E 265 12.61 -34.33 17.93
CA LEU E 265 12.29 -35.17 16.77
C LEU E 265 11.58 -34.37 15.68
N SER E 266 10.73 -33.43 16.07
CA SER E 266 10.09 -32.56 15.08
C SER E 266 11.12 -31.69 14.35
N VAL E 267 12.07 -31.12 15.10
CA VAL E 267 13.10 -30.30 14.47
C VAL E 267 14.00 -31.15 13.59
N THR E 268 14.35 -32.36 14.04
CA THR E 268 15.17 -33.25 13.21
C THR E 268 14.43 -33.65 11.94
N PHE E 269 13.14 -33.99 12.06
CA PHE E 269 12.36 -34.36 10.88
C PHE E 269 12.21 -33.18 9.93
N PHE E 270 11.92 -31.98 10.47
CA PHE E 270 11.72 -30.81 9.61
C PHE E 270 13.02 -30.43 8.90
N ASN E 271 14.15 -30.46 9.61
CA ASN E 271 15.42 -30.09 9.00
C ASN E 271 16.01 -31.21 8.15
N LEU E 272 15.42 -32.40 8.17
CA LEU E 272 15.83 -33.46 7.26
C LEU E 272 15.01 -33.48 5.98
N SER E 273 13.71 -33.21 6.08
CA SER E 273 12.88 -33.12 4.88
C SER E 273 13.29 -31.94 4.01
N ILE E 274 13.69 -30.83 4.64
CA ILE E 274 14.18 -29.68 3.88
C ILE E 274 15.45 -30.05 3.11
N TYR E 275 16.37 -30.76 3.75
CA TYR E 275 17.60 -31.17 3.08
C TYR E 275 17.30 -32.14 1.95
N LEU E 276 16.38 -33.08 2.17
CA LEU E 276 16.06 -34.05 1.13
C LEU E 276 15.43 -33.38 -0.08
N ASN E 277 14.53 -32.42 0.15
CA ASN E 277 13.90 -31.73 -0.97
C ASN E 277 14.91 -30.91 -1.76
N ILE E 278 15.81 -30.21 -1.05
CA ILE E 278 16.81 -29.39 -1.74
C ILE E 278 17.74 -30.25 -2.58
N GLN E 279 18.21 -31.37 -2.02
CA GLN E 279 19.07 -32.27 -2.79
C GLN E 279 18.30 -32.90 -3.96
N ARG E 280 17.05 -33.32 -3.72
CA ARG E 280 16.27 -33.92 -4.80
C ARG E 280 15.98 -32.90 -5.90
N ARG E 281 15.65 -31.66 -5.52
CA ARG E 281 15.33 -30.64 -6.51
C ARG E 281 16.55 -30.31 -7.37
N THR E 282 17.73 -30.22 -6.75
CA THR E 282 18.94 -29.92 -7.51
C THR E 282 19.30 -31.06 -8.46
N ARG E 283 19.00 -32.30 -8.08
CA ARG E 283 19.29 -33.42 -8.97
C ARG E 283 18.51 -33.32 -10.27
N LEU E 284 17.22 -32.98 -10.18
CA LEU E 284 16.41 -32.82 -11.38
C LEU E 284 16.84 -31.61 -12.20
N ARG E 285 17.28 -30.53 -11.53
CA ARG E 285 17.72 -29.35 -12.25
C ARG E 285 18.96 -29.63 -13.08
N LEU E 286 19.92 -30.36 -12.52
CA LEU E 286 21.13 -30.68 -13.26
C LEU E 286 20.83 -31.59 -14.45
N ASP E 287 19.95 -32.59 -14.26
CA ASP E 287 19.58 -33.47 -15.36
C ASP E 287 18.80 -32.72 -16.43
N GLY E 288 17.88 -31.85 -16.02
CA GLY E 288 17.09 -31.11 -16.99
C GLY E 288 17.92 -30.13 -17.81
N ALA E 289 18.85 -29.43 -17.15
CA ALA E 289 19.70 -28.46 -17.83
C ALA E 289 20.70 -29.15 -18.74
N SER E 396 28.09 -25.36 -15.25
CA SER E 396 28.97 -24.19 -15.33
C SER E 396 29.12 -23.54 -13.97
N PHE E 397 29.39 -22.22 -13.97
CA PHE E 397 29.53 -21.49 -12.72
C PHE E 397 28.23 -21.49 -11.93
N THR E 398 27.09 -21.35 -12.62
CA THR E 398 25.80 -21.34 -11.93
C THR E 398 25.53 -22.68 -11.26
N GLN E 399 25.80 -23.79 -11.96
CA GLN E 399 25.58 -25.10 -11.36
C GLN E 399 26.51 -25.34 -10.17
N ARG E 400 27.77 -24.93 -10.28
CA ARG E 400 28.70 -25.08 -9.18
C ARG E 400 28.28 -24.23 -7.99
N PHE E 401 27.80 -23.01 -8.24
CA PHE E 401 27.34 -22.15 -7.15
C PHE E 401 26.14 -22.75 -6.44
N ARG E 402 25.21 -23.34 -7.20
CA ARG E 402 24.03 -23.94 -6.58
C ARG E 402 24.40 -25.11 -5.70
N LEU E 403 25.33 -25.95 -6.15
CA LEU E 403 25.78 -27.08 -5.34
C LEU E 403 26.47 -26.60 -4.07
N SER E 404 27.30 -25.57 -4.17
CA SER E 404 27.96 -25.02 -3.00
C SER E 404 26.97 -24.41 -2.03
N ARG E 405 25.94 -23.73 -2.56
CA ARG E 405 24.91 -23.15 -1.69
C ARG E 405 24.15 -24.23 -0.93
N ASP E 406 23.85 -25.34 -1.59
CA ASP E 406 23.15 -26.43 -0.92
C ASP E 406 23.99 -27.02 0.22
N ARG E 407 25.29 -27.16 0.00
CA ARG E 407 26.17 -27.65 1.07
C ARG E 407 26.22 -26.67 2.23
N LYS E 408 26.17 -25.37 1.94
CA LYS E 408 26.12 -24.37 3.01
C LYS E 408 24.84 -24.52 3.82
N VAL E 409 23.72 -24.79 3.16
CA VAL E 409 22.46 -25.03 3.88
C VAL E 409 22.55 -26.33 4.67
N ALA E 410 23.22 -27.34 4.12
CA ALA E 410 23.34 -28.61 4.82
C ALA E 410 24.07 -28.44 6.15
N LYS E 411 25.14 -27.65 6.16
CA LYS E 411 25.82 -27.37 7.42
C LYS E 411 24.95 -26.50 8.32
N SER E 412 24.20 -25.56 7.73
CA SER E 412 23.32 -24.70 8.52
C SER E 412 22.23 -25.51 9.22
N LEU E 413 21.65 -26.49 8.53
CA LEU E 413 20.62 -27.32 9.13
C LEU E 413 21.20 -28.25 10.20
N ALA E 414 22.43 -28.73 10.00
CA ALA E 414 23.04 -29.64 10.97
C ALA E 414 23.35 -28.92 12.27
N VAL E 415 23.83 -27.68 12.20
CA VAL E 415 24.14 -26.91 13.39
C VAL E 415 22.87 -26.64 14.20
N ILE E 416 21.78 -26.35 13.52
CA ILE E 416 20.53 -26.03 14.21
C ILE E 416 20.05 -27.23 15.02
N VAL E 417 20.10 -28.43 14.43
CA VAL E 417 19.68 -29.62 15.17
C VAL E 417 20.68 -29.95 16.27
N SER E 418 21.97 -29.80 16.00
CA SER E 418 22.98 -30.19 16.98
C SER E 418 22.98 -29.26 18.19
N ILE E 419 22.95 -27.95 17.96
CA ILE E 419 23.01 -27.00 19.07
C ILE E 419 21.78 -27.15 19.97
N PHE E 420 20.61 -27.30 19.38
CA PHE E 420 19.39 -27.50 20.17
C PHE E 420 19.48 -28.79 20.99
N GLY E 421 19.97 -29.87 20.37
CA GLY E 421 20.16 -31.10 21.11
C GLY E 421 21.28 -31.01 22.13
N LEU E 422 22.38 -30.36 21.79
CA LEU E 422 23.54 -30.31 22.66
C LEU E 422 23.24 -29.56 23.95
N CYS E 423 22.49 -28.46 23.86
CA CYS E 423 22.19 -27.66 25.04
C CYS E 423 21.13 -28.29 25.93
N TRP E 424 20.14 -28.96 25.34
CA TRP E 424 18.96 -29.40 26.08
C TRP E 424 19.02 -30.85 26.54
N ALA E 425 19.64 -31.74 25.76
CA ALA E 425 19.65 -33.16 26.14
C ALA E 425 20.34 -33.45 27.46
N PRO E 426 21.52 -32.89 27.77
CA PRO E 426 22.16 -33.24 29.05
C PRO E 426 21.30 -32.94 30.27
N TYR E 427 20.75 -31.73 30.36
CA TYR E 427 19.94 -31.38 31.52
C TYR E 427 18.66 -32.23 31.56
N THR E 428 18.03 -32.44 30.41
CA THR E 428 16.82 -33.26 30.38
C THR E 428 17.11 -34.69 30.82
N LEU E 429 18.20 -35.27 30.34
CA LEU E 429 18.56 -36.63 30.76
C LEU E 429 18.94 -36.68 32.23
N LEU E 430 19.67 -35.68 32.71
CA LEU E 430 20.11 -35.69 34.11
C LEU E 430 18.93 -35.60 35.06
N MET E 431 17.90 -34.81 34.71
CA MET E 431 16.74 -34.69 35.58
C MET E 431 16.05 -36.04 35.76
N ILE E 432 15.90 -36.80 34.69
CA ILE E 432 15.28 -38.12 34.80
C ILE E 432 16.19 -39.10 35.53
N ILE E 433 17.49 -39.08 35.20
CA ILE E 433 18.44 -40.00 35.83
C ILE E 433 18.59 -39.69 37.32
N ARG E 434 18.81 -38.41 37.65
CA ARG E 434 19.02 -38.03 39.04
C ARG E 434 17.77 -38.28 39.89
N ALA E 435 16.59 -38.21 39.28
CA ALA E 435 15.35 -38.43 40.04
C ALA E 435 15.28 -39.86 40.57
N ALA E 436 15.71 -40.83 39.77
CA ALA E 436 15.63 -42.23 40.19
C ALA E 436 16.54 -42.50 41.39
N CYS E 437 17.76 -41.96 41.37
CA CYS E 437 18.73 -42.21 42.42
C CYS E 437 18.77 -41.08 43.46
N HIS E 438 17.92 -40.07 43.32
CA HIS E 438 17.80 -38.98 44.29
C HIS E 438 19.14 -38.27 44.53
N GLY E 439 19.90 -38.09 43.46
CA GLY E 439 21.16 -37.37 43.54
C GLY E 439 22.36 -38.18 43.98
N HIS E 440 22.16 -39.46 44.33
CA HIS E 440 23.29 -40.28 44.76
C HIS E 440 24.20 -40.64 43.59
N CYS E 441 23.61 -40.93 42.43
CA CYS E 441 24.37 -41.38 41.27
C CYS E 441 24.86 -40.25 40.38
N VAL E 442 24.46 -39.01 40.66
CA VAL E 442 24.83 -37.86 39.85
C VAL E 442 25.65 -36.91 40.71
N PRO E 443 26.86 -36.54 40.29
CA PRO E 443 27.63 -35.55 41.04
C PRO E 443 26.89 -34.21 41.10
N ASP E 444 27.07 -33.50 42.22
CA ASP E 444 26.37 -32.24 42.42
C ASP E 444 26.78 -31.19 41.40
N TYR E 445 28.08 -31.12 41.08
CA TYR E 445 28.56 -30.12 40.15
C TYR E 445 28.16 -30.41 38.71
N TRP E 446 27.80 -31.65 38.39
CA TRP E 446 27.30 -31.95 37.06
C TRP E 446 25.92 -31.33 36.83
N TYR E 447 25.08 -31.31 37.87
CA TYR E 447 23.75 -30.73 37.73
C TYR E 447 23.81 -29.25 37.39
N GLU E 448 24.69 -28.51 38.07
CA GLU E 448 24.80 -27.08 37.81
C GLU E 448 25.37 -26.82 36.42
N THR E 449 26.31 -27.65 35.97
CA THR E 449 26.87 -27.48 34.62
C THR E 449 25.80 -27.64 33.55
N SER E 450 24.96 -28.68 33.69
CA SER E 450 23.88 -28.89 32.73
C SER E 450 22.75 -27.87 32.90
N PHE E 451 22.60 -27.30 34.10
CA PHE E 451 21.55 -26.32 34.33
C PHE E 451 21.78 -25.06 33.50
N TRP E 452 23.03 -24.64 33.37
CA TRP E 452 23.36 -23.43 32.62
C TRP E 452 23.46 -23.66 31.11
N LEU E 453 23.44 -24.91 30.66
CA LEU E 453 23.47 -25.17 29.23
C LEU E 453 22.22 -24.64 28.54
N LEU E 454 21.05 -24.81 29.16
CA LEU E 454 19.82 -24.30 28.56
C LEU E 454 19.86 -22.78 28.46
N TRP E 455 20.36 -22.10 29.49
CA TRP E 455 20.50 -20.65 29.43
C TRP E 455 21.55 -20.25 28.40
N ALA E 456 22.57 -21.08 28.18
CA ALA E 456 23.53 -20.83 27.12
C ALA E 456 22.86 -20.90 25.74
N ASN E 457 21.85 -21.78 25.61
CA ASN E 457 21.12 -21.87 24.35
C ASN E 457 20.40 -20.57 24.02
N SER E 458 19.96 -19.82 25.04
CA SER E 458 19.28 -18.56 24.81
C SER E 458 20.22 -17.48 24.29
N ALA E 459 21.53 -17.67 24.39
CA ALA E 459 22.49 -16.74 23.80
C ALA E 459 22.90 -17.17 22.40
N VAL E 460 22.96 -18.47 22.14
CA VAL E 460 23.31 -18.96 20.81
C VAL E 460 22.20 -18.65 19.82
N ASN E 461 20.94 -18.69 20.27
CA ASN E 461 19.81 -18.51 19.35
C ASN E 461 19.87 -17.19 18.57
N PRO E 462 20.21 -16.03 19.15
CA PRO E 462 20.38 -14.83 18.32
C PRO E 462 21.40 -15.01 17.20
N VAL E 463 22.47 -15.77 17.44
CA VAL E 463 23.48 -15.99 16.41
C VAL E 463 22.93 -16.87 15.29
N LEU E 464 22.15 -17.89 15.64
CA LEU E 464 21.73 -18.88 14.65
C LEU E 464 20.61 -18.36 13.76
N TYR E 465 19.44 -18.12 14.33
CA TYR E 465 18.27 -17.85 13.50
C TYR E 465 18.23 -16.42 12.94
N PRO E 466 18.31 -15.37 13.78
CA PRO E 466 18.18 -14.02 13.21
C PRO E 466 19.38 -13.57 12.40
N LEU E 467 20.60 -13.87 12.87
CA LEU E 467 21.79 -13.41 12.15
C LEU E 467 21.90 -14.06 10.78
N CYS E 468 21.63 -15.36 10.68
CA CYS E 468 21.70 -16.04 9.40
C CYS E 468 20.57 -15.66 8.46
N HIS E 469 19.54 -14.97 8.94
CA HIS E 469 18.43 -14.57 8.09
C HIS E 469 18.86 -13.45 7.16
N HIS E 470 18.42 -13.53 5.90
CA HIS E 470 18.82 -12.53 4.91
C HIS E 470 18.29 -11.14 5.25
N SER E 471 17.02 -11.06 5.65
CA SER E 471 16.40 -9.76 5.87
C SER E 471 16.86 -9.11 7.18
N PHE E 472 17.13 -9.90 8.22
CA PHE E 472 17.53 -9.32 9.50
C PHE E 472 18.91 -8.69 9.44
N ARG E 473 19.82 -9.27 8.64
CA ARG E 473 21.15 -8.68 8.49
C ARG E 473 21.07 -7.31 7.84
N ARG E 474 20.19 -7.16 6.84
CA ARG E 474 20.00 -5.85 6.24
C ARG E 474 19.46 -4.83 7.24
N ALA E 475 18.53 -5.25 8.09
CA ALA E 475 18.02 -4.37 9.13
C ALA E 475 19.04 -4.14 10.24
N PHE E 476 20.03 -5.03 10.39
CA PHE E 476 21.07 -4.81 11.37
C PHE E 476 22.03 -3.70 10.93
N THR E 477 22.43 -3.71 9.65
CA THR E 477 23.35 -2.70 9.16
C THR E 477 22.70 -1.32 9.13
N LYS E 478 21.38 -1.26 8.91
CA LYS E 478 20.69 0.03 8.92
C LYS E 478 20.81 0.71 10.28
N LEU E 479 20.67 -0.06 11.36
CA LEU E 479 20.89 0.48 12.70
C LEU E 479 22.37 0.65 13.00
N LEU E 480 23.22 -0.22 12.47
CA LEU E 480 24.66 -0.15 12.73
C LEU E 480 25.45 -0.83 11.62
N HSM F . 12.95 -26.63 32.46
CA HSM F . 14.10 -25.75 32.26
CB HSM F . 14.60 -25.23 33.61
CG HSM F . 16.00 -24.70 33.47
ND1 HSM F . 16.38 -23.43 33.58
CD2 HSM F . 17.10 -25.43 33.19
CE1 HSM F . 17.66 -23.33 33.39
NE2 HSM F . 18.16 -24.56 33.14
C1 CLR G . 30.73 -24.50 38.61
C2 CLR G . 30.25 -25.33 39.80
C3 CLR G . 29.69 -24.40 40.89
C4 CLR G . 28.46 -23.70 40.35
C5 CLR G . 28.82 -22.98 39.05
C6 CLR G . 28.49 -21.72 38.94
C7 CLR G . 28.80 -20.92 37.71
C8 CLR G . 28.91 -21.85 36.50
C9 CLR G . 29.99 -22.91 36.81
C10 CLR G . 29.54 -23.76 37.99
C11 CLR G . 30.29 -23.78 35.59
C12 CLR G . 30.60 -22.97 34.33
C13 CLR G . 29.45 -22.00 34.05
C14 CLR G . 29.34 -21.05 35.29
C15 CLR G . 28.36 -20.00 34.80
C16 CLR G . 28.83 -19.75 33.35
C17 CLR G . 29.60 -21.01 32.90
C18 CLR G . 28.12 -22.77 33.91
C19 CLR G . 28.57 -24.80 37.44
C20 CLR G . 29.02 -21.58 31.59
C21 CLR G . 30.12 -22.30 30.80
C22 CLR G . 28.39 -20.48 30.74
C23 CLR G . 29.41 -19.83 29.81
C24 CLR G . 28.95 -18.42 29.44
C25 CLR G . 29.99 -17.76 28.54
C26 CLR G . 29.54 -16.33 28.20
C27 CLR G . 31.34 -17.70 29.26
O1 CLR G . 29.33 -25.18 42.03
C1 CLR H . 1.35 -8.84 20.99
C2 CLR H . 0.95 -8.59 19.53
C3 CLR H . 2.17 -8.12 18.75
C4 CLR H . 3.16 -9.29 18.69
C5 CLR H . 3.52 -9.68 20.11
C6 CLR H . 4.77 -9.76 20.42
C7 CLR H . 5.29 -10.13 21.78
C8 CLR H . 4.21 -10.84 22.61
C9 CLR H . 2.87 -10.08 22.51
C10 CLR H . 2.40 -9.95 21.07
C11 CLR H . 1.82 -10.76 23.39
C12 CLR H . 2.26 -10.83 24.86
C13 CLR H . 3.62 -11.52 24.97
C14 CLR H . 4.63 -10.77 24.07
C15 CLR H . 5.94 -11.47 24.43
C16 CLR H . 5.84 -11.50 25.98
C17 CLR H . 4.33 -11.47 26.32
C18 CLR H . 3.51 -12.97 24.48
C19 CLR H . 1.75 -11.27 20.67
C20 CLR H . 3.94 -12.65 27.23
C21 CLR H . 2.75 -12.26 28.09
C22 CLR H . 5.15 -13.05 28.10
C23 CLR H . 4.78 -13.19 29.58
C24 CLR H . 6.06 -13.15 30.42
C25 CLR H . 5.71 -13.31 31.90
C26 CLR H . 6.98 -13.12 32.75
C27 CLR H . 4.67 -12.27 32.31
O1 CLR H . 1.78 -7.73 17.43
C1 CLR I . 1.31 -26.60 14.56
C2 CLR I . 1.06 -25.83 13.25
C3 CLR I . 0.48 -24.45 13.58
C4 CLR I . 1.57 -23.64 14.28
C5 CLR I . 1.97 -24.38 15.54
C6 CLR I . 2.03 -23.70 16.66
C7 CLR I . 2.41 -24.28 17.99
C8 CLR I . 3.03 -25.67 17.88
C9 CLR I . 2.31 -26.51 16.83
C10 CLR I . 2.30 -25.84 15.47
C11 CLR I . 2.91 -27.91 16.73
C12 CLR I . 2.83 -28.64 18.08
C13 CLR I . 3.47 -27.80 19.19
C14 CLR I . 2.81 -26.39 19.20
C15 CLR I . 3.45 -25.76 20.43
C16 CLR I . 3.37 -26.92 21.46
C17 CLR I . 3.23 -28.24 20.64
C18 CLR I . 4.97 -27.62 18.94
C19 CLR I . 3.70 -25.98 14.86
C20 CLR I . 4.22 -29.27 21.18
C21 CLR I . 3.95 -30.67 20.61
C22 CLR I . 4.09 -29.35 22.70
C23 CLR I . 2.75 -30.00 23.09
C24 CLR I . 2.65 -30.14 24.61
C25 CLR I . 1.53 -29.22 25.13
C26 CLR I . 0.93 -29.85 26.38
C27 CLR I . 2.13 -27.86 25.49
O1 CLR I . 0.10 -23.80 12.36
C1 CLR J . 5.53 -4.46 20.33
C2 CLR J . 5.32 -4.46 18.81
C3 CLR J . 6.52 -3.79 18.14
C4 CLR J . 7.75 -4.66 18.37
C5 CLR J . 7.96 -4.84 19.87
C6 CLR J . 9.13 -4.62 20.36
C7 CLR J . 9.47 -4.76 21.82
C8 CLR J . 8.45 -5.67 22.52
C9 CLR J . 7.04 -5.19 22.18
C10 CLR J . 6.78 -5.27 20.69
C11 CLR J . 5.98 -5.99 22.95
C12 CLR J . 6.23 -5.95 24.46
C13 CLR J . 7.64 -6.47 24.78
C14 CLR J . 8.65 -5.55 24.02
C15 CLR J . 9.99 -6.06 24.57
C16 CLR J . 9.68 -6.24 26.09
C17 CLR J . 8.14 -6.36 26.23
C18 CLR J . 7.82 -7.90 24.27
C19 CLR J . 6.52 -6.75 20.35
C20 CLR J . 7.77 -7.59 27.07
C21 CLR J . 6.34 -7.45 27.62
C22 CLR J . 8.75 -7.76 28.23
C23 CLR J . 8.38 -6.83 29.39
C24 CLR J . 8.91 -7.42 30.70
C25 CLR J . 8.10 -8.65 31.10
C26 CLR J . 8.61 -9.19 32.43
C27 CLR J . 6.62 -8.27 31.25
O1 CLR J . 6.26 -3.68 16.74
C1 CLR K . 3.00 -15.17 42.92
C2 CLR K . 3.48 -15.83 44.22
C3 CLR K . 2.29 -16.46 44.95
C4 CLR K . 1.71 -17.58 44.09
C5 CLR K . 1.36 -17.00 42.72
C6 CLR K . 0.17 -17.21 42.26
C7 CLR K . -0.31 -16.68 40.94
C8 CLR K . 0.89 -16.50 40.01
C9 CLR K . 1.93 -15.60 40.68
C10 CLR K . 2.42 -16.24 41.98
C11 CLR K . 3.12 -15.30 39.76
C12 CLR K . 2.67 -14.72 38.41
C13 CLR K . 1.64 -15.64 37.75
C14 CLR K . 0.44 -15.80 38.74
C15 CLR K . -0.57 -16.55 37.87
C16 CLR K . -0.47 -15.80 36.53
C17 CLR K . 0.93 -15.13 36.48
C18 CLR K . 2.23 -17.02 37.50
C19 CLR K . 3.54 -17.22 41.63
C20 CLR K . 1.67 -15.53 35.20
C21 CLR K . 2.69 -14.45 34.84
C22 CLR K . 0.69 -15.70 34.05
C23 CLR K . 1.43 -16.06 32.76
C24 CLR K . 0.40 -16.30 31.65
C25 CLR K . 1.11 -16.71 30.36
C26 CLR K . 0.08 -17.12 29.31
C27 CLR K . 1.91 -15.53 29.83
O1 CLR K . 2.74 -17.00 46.19
#